data_1KX1
#
_entry.id   1KX1
#
_cell.length_a   61.800
_cell.length_b   255.560
_cell.length_c   61.790
_cell.angle_alpha   90.00
_cell.angle_beta   119.60
_cell.angle_gamma   90.00
#
_symmetry.space_group_name_H-M   'P 1 21 1'
#
loop_
_entity.id
_entity.type
_entity.pdbx_description
1 polymer 'MANNOSE-BINDING PROTEIN A'
2 branched alpha-D-mannopyranose-(1-2)-alpha-D-mannopyranose-(1-3)-[alpha-D-mannopyranose-(1-3)-[alpha-D-mannopyranose-(1-6)]alpha-D-mannopyranose-(1-6)]alpha-D-mannopyranose
3 non-polymer 'CALCIUM ION'
4 non-polymer alpha-D-mannopyranose
5 water water
#
_entity_poly.entity_id   1
_entity_poly.type   'polypeptide(L)'
_entity_poly.pdbx_seq_one_letter_code
;AIEVKLANMEAEINTLKSKLELTNKLHAFSMGKKSGKKFFVTNHERMPFSKVKALCSELRGTVAIPRNAEENKAIQEVAK
TSAFLGITDEVTEGQFMYVTGGRLTYSNWKKDEPNDHGSGEDCVTIVDNGLWNDISCQASHTAVCEFPA
;
_entity_poly.pdbx_strand_id   A,B,C,D,E,F
#
loop_
_chem_comp.id
_chem_comp.type
_chem_comp.name
_chem_comp.formula
CA non-polymer 'CALCIUM ION' 'Ca 2'
MAN D-saccharide, alpha linking alpha-D-mannopyranose 'C6 H12 O6'
#
# COMPACT_ATOMS: atom_id res chain seq x y z
N ALA A 1 -38.73 50.55 2.65
CA ALA A 1 -38.89 49.16 3.14
C ALA A 1 -39.65 48.30 2.14
N ILE A 2 -40.97 48.22 2.31
CA ILE A 2 -41.83 47.42 1.45
C ILE A 2 -41.34 47.25 0.01
N GLU A 3 -40.90 48.33 -0.60
CA GLU A 3 -40.41 48.29 -1.97
C GLU A 3 -39.02 47.68 -2.03
N VAL A 4 -38.21 47.99 -1.02
CA VAL A 4 -36.86 47.48 -0.95
C VAL A 4 -36.92 45.97 -0.69
N LYS A 5 -37.69 45.57 0.32
CA LYS A 5 -37.83 44.15 0.65
C LYS A 5 -38.17 43.38 -0.61
N LEU A 6 -39.11 43.91 -1.38
CA LEU A 6 -39.55 43.30 -2.61
C LEU A 6 -38.38 43.17 -3.59
N ALA A 7 -37.40 44.04 -3.45
CA ALA A 7 -36.23 44.02 -4.32
C ALA A 7 -35.22 42.97 -3.81
N ASN A 8 -34.98 42.96 -2.51
CA ASN A 8 -34.05 42.02 -1.90
C ASN A 8 -34.46 40.59 -2.22
N MET A 9 -35.76 40.38 -2.39
CA MET A 9 -36.28 39.07 -2.69
C MET A 9 -36.21 38.78 -4.18
N GLU A 10 -35.95 39.82 -4.97
CA GLU A 10 -35.81 39.65 -6.40
C GLU A 10 -34.54 38.85 -6.65
N ALA A 11 -33.41 39.39 -6.18
CA ALA A 11 -32.12 38.74 -6.34
C ALA A 11 -32.10 37.39 -5.65
N GLU A 12 -32.93 37.23 -4.63
CA GLU A 12 -33.00 35.97 -3.92
C GLU A 12 -33.51 34.93 -4.89
N ILE A 13 -34.67 35.19 -5.50
CA ILE A 13 -35.24 34.23 -6.45
C ILE A 13 -34.22 33.94 -7.56
N ASN A 14 -33.43 34.94 -7.93
CA ASN A 14 -32.45 34.76 -8.97
C ASN A 14 -31.31 33.85 -8.53
N THR A 15 -30.64 34.24 -7.45
CA THR A 15 -29.53 33.46 -6.93
C THR A 15 -30.00 32.02 -6.72
N LEU A 16 -31.26 31.87 -6.39
CA LEU A 16 -31.82 30.56 -6.17
C LEU A 16 -31.83 29.85 -7.52
N LYS A 17 -32.72 30.27 -8.39
CA LYS A 17 -32.83 29.70 -9.74
C LYS A 17 -31.43 29.38 -10.27
N SER A 18 -30.48 30.26 -9.99
CA SER A 18 -29.10 30.11 -10.41
C SER A 18 -28.41 28.92 -9.70
N LYS A 19 -28.62 28.79 -8.40
CA LYS A 19 -28.03 27.67 -7.66
C LYS A 19 -28.67 26.37 -8.08
N LEU A 20 -29.99 26.31 -8.07
CA LEU A 20 -30.68 25.09 -8.46
C LEU A 20 -30.22 24.57 -9.81
N GLU A 21 -29.95 25.48 -10.75
CA GLU A 21 -29.50 25.09 -12.08
C GLU A 21 -28.15 24.42 -11.96
N LEU A 22 -27.20 25.10 -11.31
CA LEU A 22 -25.88 24.52 -11.13
C LEU A 22 -26.02 23.17 -10.40
N THR A 23 -26.80 23.15 -9.33
CA THR A 23 -27.01 21.93 -8.56
C THR A 23 -27.48 20.80 -9.48
N ASN A 24 -28.41 21.10 -10.38
CA ASN A 24 -28.90 20.07 -11.30
C ASN A 24 -27.80 19.59 -12.26
N LYS A 25 -26.90 20.47 -12.62
CA LYS A 25 -25.79 20.09 -13.50
C LYS A 25 -24.89 19.11 -12.74
N LEU A 26 -24.44 19.52 -11.56
CA LEU A 26 -23.58 18.67 -10.75
C LEU A 26 -24.18 17.27 -10.62
N HIS A 27 -25.50 17.19 -10.46
CA HIS A 27 -26.13 15.89 -10.33
C HIS A 27 -25.92 15.08 -11.60
N ALA A 28 -26.43 15.58 -12.73
CA ALA A 28 -26.28 14.91 -14.01
C ALA A 28 -24.84 14.41 -14.15
N PHE A 29 -23.89 15.30 -13.93
CA PHE A 29 -22.50 14.93 -14.01
C PHE A 29 -22.28 13.70 -13.14
N SER A 30 -22.76 13.77 -11.91
CA SER A 30 -22.58 12.67 -10.98
C SER A 30 -23.33 11.40 -11.37
N MET A 31 -24.46 11.53 -12.08
CA MET A 31 -25.22 10.35 -12.48
C MET A 31 -24.88 9.79 -13.85
N GLY A 32 -23.71 10.15 -14.38
CA GLY A 32 -23.28 9.64 -15.66
C GLY A 32 -23.42 10.47 -16.93
N LYS A 33 -24.29 11.46 -16.93
CA LYS A 33 -24.46 12.28 -18.12
C LYS A 33 -23.14 12.69 -18.77
N LYS A 34 -22.98 12.29 -20.03
CA LYS A 34 -21.77 12.64 -20.77
C LYS A 34 -22.08 13.93 -21.55
N SER A 35 -21.07 14.77 -21.76
CA SER A 35 -21.21 16.04 -22.47
C SER A 35 -22.09 16.03 -23.72
N GLY A 36 -23.12 16.89 -23.68
CA GLY A 36 -24.04 17.03 -24.79
C GLY A 36 -24.84 15.80 -25.13
N LYS A 37 -24.63 14.69 -24.44
CA LYS A 37 -25.37 13.47 -24.75
C LYS A 37 -26.43 13.14 -23.72
N LYS A 38 -27.58 12.65 -24.17
CA LYS A 38 -28.64 12.30 -23.24
C LYS A 38 -28.10 11.26 -22.26
N PHE A 39 -28.80 11.04 -21.16
CA PHE A 39 -28.32 10.09 -20.18
C PHE A 39 -29.42 9.28 -19.53
N PHE A 40 -29.09 8.03 -19.25
CA PHE A 40 -30.04 7.11 -18.65
C PHE A 40 -29.81 6.97 -17.16
N VAL A 41 -30.89 6.70 -16.43
CA VAL A 41 -30.85 6.56 -14.98
C VAL A 41 -31.80 5.48 -14.48
N THR A 42 -31.40 4.79 -13.42
CA THR A 42 -32.26 3.73 -12.87
C THR A 42 -32.12 3.54 -11.36
N ASN A 43 -33.16 2.97 -10.77
CA ASN A 43 -33.15 2.67 -9.36
C ASN A 43 -32.92 1.17 -9.26
N HIS A 44 -33.05 0.50 -10.40
CA HIS A 44 -32.87 -0.95 -10.51
C HIS A 44 -34.12 -1.72 -10.11
N GLU A 45 -35.11 -1.00 -9.60
CA GLU A 45 -36.36 -1.63 -9.21
C GLU A 45 -37.02 -2.27 -10.42
N ARG A 46 -37.17 -3.58 -10.39
CA ARG A 46 -37.80 -4.30 -11.50
C ARG A 46 -39.30 -4.06 -11.39
N MET A 47 -39.98 -3.87 -12.50
CA MET A 47 -41.42 -3.62 -12.48
C MET A 47 -42.06 -3.81 -13.86
N PRO A 48 -43.40 -3.75 -13.92
CA PRO A 48 -44.08 -3.90 -15.21
C PRO A 48 -43.80 -2.66 -16.03
N PHE A 49 -44.16 -2.69 -17.30
CA PHE A 49 -43.92 -1.56 -18.20
C PHE A 49 -44.69 -0.32 -17.76
N SER A 50 -46.01 -0.43 -17.73
CA SER A 50 -46.89 0.69 -17.37
C SER A 50 -46.36 1.52 -16.20
N LYS A 51 -45.70 0.86 -15.26
CA LYS A 51 -45.16 1.55 -14.10
C LYS A 51 -43.93 2.35 -14.49
N VAL A 52 -43.03 1.71 -15.21
CA VAL A 52 -41.83 2.38 -15.67
C VAL A 52 -42.27 3.64 -16.42
N LYS A 53 -43.36 3.51 -17.16
CA LYS A 53 -43.87 4.65 -17.91
C LYS A 53 -44.32 5.78 -17.00
N ALA A 54 -45.11 5.45 -16.00
CA ALA A 54 -45.59 6.46 -15.08
C ALA A 54 -44.43 7.00 -14.27
N LEU A 55 -43.52 6.11 -13.88
CA LEU A 55 -42.38 6.52 -13.08
C LEU A 55 -41.48 7.52 -13.78
N CYS A 56 -41.06 7.24 -15.01
CA CYS A 56 -40.20 8.17 -15.73
C CYS A 56 -40.88 9.51 -15.96
N SER A 57 -42.21 9.48 -16.05
CA SER A 57 -42.96 10.69 -16.28
C SER A 57 -42.98 11.54 -15.01
N GLU A 58 -43.24 10.90 -13.88
CA GLU A 58 -43.26 11.61 -12.62
C GLU A 58 -41.95 12.38 -12.44
N LEU A 59 -40.89 11.90 -13.10
CA LEU A 59 -39.58 12.54 -13.01
C LEU A 59 -39.34 13.48 -14.19
N ARG A 60 -40.35 13.64 -15.04
CA ARG A 60 -40.24 14.50 -16.23
C ARG A 60 -39.16 14.02 -17.19
N GLY A 61 -39.13 12.73 -17.44
CA GLY A 61 -38.18 12.12 -18.36
C GLY A 61 -38.92 11.03 -19.13
N THR A 62 -38.21 10.09 -19.73
CA THR A 62 -38.90 9.04 -20.49
C THR A 62 -38.21 7.71 -20.43
N VAL A 63 -38.95 6.64 -20.73
CA VAL A 63 -38.38 5.30 -20.74
C VAL A 63 -37.25 5.28 -21.76
N ALA A 64 -36.09 4.80 -21.32
CA ALA A 64 -34.90 4.72 -22.15
C ALA A 64 -35.11 4.18 -23.58
N ILE A 65 -34.59 4.92 -24.56
CA ILE A 65 -34.68 4.52 -25.97
C ILE A 65 -33.35 4.63 -26.72
N PRO A 66 -32.72 3.50 -27.01
CA PRO A 66 -31.45 3.52 -27.74
C PRO A 66 -31.76 3.96 -29.17
N ARG A 67 -31.10 5.00 -29.64
CA ARG A 67 -31.36 5.47 -30.99
C ARG A 67 -30.22 5.07 -31.90
N ASN A 68 -29.36 4.21 -31.38
CA ASN A 68 -28.21 3.70 -32.11
C ASN A 68 -27.39 2.85 -31.13
N ALA A 69 -26.17 2.48 -31.53
CA ALA A 69 -25.34 1.66 -30.67
C ALA A 69 -24.78 2.33 -29.40
N GLU A 70 -24.11 3.46 -29.53
CA GLU A 70 -23.55 4.12 -28.35
C GLU A 70 -24.59 4.18 -27.23
N GLU A 71 -25.81 4.59 -27.59
CA GLU A 71 -26.90 4.69 -26.63
C GLU A 71 -27.32 3.32 -26.13
N ASN A 72 -27.54 2.38 -27.05
CA ASN A 72 -27.93 1.02 -26.66
C ASN A 72 -26.97 0.49 -25.59
N LYS A 73 -25.68 0.78 -25.78
CA LYS A 73 -24.65 0.36 -24.83
C LYS A 73 -24.80 1.15 -23.54
N ALA A 74 -24.90 2.47 -23.67
CA ALA A 74 -25.03 3.37 -22.51
C ALA A 74 -26.15 2.90 -21.59
N ILE A 75 -27.21 2.37 -22.19
CA ILE A 75 -28.34 1.87 -21.43
C ILE A 75 -27.96 0.52 -20.85
N GLN A 76 -27.12 -0.20 -21.59
CA GLN A 76 -26.68 -1.51 -21.17
C GLN A 76 -25.81 -1.44 -19.92
N GLU A 77 -24.94 -0.43 -19.87
CA GLU A 77 -24.04 -0.25 -18.74
C GLU A 77 -24.77 0.22 -17.48
N VAL A 78 -25.69 1.16 -17.63
CA VAL A 78 -26.45 1.67 -16.50
C VAL A 78 -27.45 0.68 -15.91
N ALA A 79 -28.05 -0.14 -16.75
CA ALA A 79 -29.05 -1.10 -16.28
C ALA A 79 -28.49 -2.33 -15.58
N LYS A 80 -27.38 -2.86 -16.10
CA LYS A 80 -26.74 -4.04 -15.53
C LYS A 80 -27.72 -5.21 -15.32
N THR A 81 -28.96 -5.06 -15.77
CA THR A 81 -29.98 -6.09 -15.62
C THR A 81 -31.18 -5.82 -16.51
N SER A 82 -31.76 -6.90 -17.05
CA SER A 82 -32.92 -6.81 -17.93
C SER A 82 -33.74 -5.53 -17.74
N ALA A 83 -33.87 -4.73 -18.79
CA ALA A 83 -34.60 -3.47 -18.70
C ALA A 83 -35.50 -3.19 -19.91
N PHE A 84 -36.62 -2.50 -19.68
CA PHE A 84 -37.53 -2.18 -20.79
C PHE A 84 -36.99 -1.00 -21.62
N LEU A 85 -37.60 -0.76 -22.78
CA LEU A 85 -37.17 0.35 -23.63
C LEU A 85 -38.44 1.06 -24.07
N GLY A 86 -38.33 2.33 -24.44
CA GLY A 86 -39.52 3.05 -24.87
C GLY A 86 -40.00 2.55 -26.23
N ILE A 87 -40.23 1.25 -26.33
CA ILE A 87 -40.66 0.61 -27.58
C ILE A 87 -41.68 -0.50 -27.36
N THR A 88 -42.77 -0.50 -28.11
CA THR A 88 -43.78 -1.57 -28.00
C THR A 88 -44.64 -1.72 -29.24
N ASP A 89 -45.11 -2.95 -29.49
CA ASP A 89 -45.97 -3.19 -30.63
C ASP A 89 -47.43 -3.44 -30.18
N GLU A 90 -47.78 -2.93 -29.00
CA GLU A 90 -49.14 -3.10 -28.48
C GLU A 90 -50.22 -2.48 -29.37
N VAL A 91 -49.80 -1.55 -30.22
CA VAL A 91 -50.72 -0.88 -31.14
C VAL A 91 -51.08 -1.81 -32.29
N THR A 92 -50.14 -2.00 -33.21
CA THR A 92 -50.36 -2.86 -34.36
C THR A 92 -49.39 -4.04 -34.26
N GLU A 93 -49.89 -5.16 -33.75
CA GLU A 93 -49.07 -6.36 -33.57
C GLU A 93 -48.14 -6.56 -34.74
N GLY A 94 -46.85 -6.66 -34.45
CA GLY A 94 -45.89 -6.86 -35.51
C GLY A 94 -45.05 -5.64 -35.82
N GLN A 95 -45.59 -4.45 -35.54
CA GLN A 95 -44.86 -3.21 -35.81
C GLN A 95 -44.53 -2.44 -34.54
N PHE A 96 -43.26 -2.42 -34.18
CA PHE A 96 -42.82 -1.72 -32.99
C PHE A 96 -42.68 -0.21 -33.18
N MET A 97 -43.29 0.53 -32.26
CA MET A 97 -43.27 1.98 -32.28
C MET A 97 -42.69 2.53 -30.98
N TYR A 98 -42.04 3.70 -31.05
CA TYR A 98 -41.50 4.31 -29.84
C TYR A 98 -42.65 4.94 -29.03
N VAL A 99 -42.47 5.03 -27.72
CA VAL A 99 -43.48 5.64 -26.87
C VAL A 99 -43.62 7.10 -27.29
N THR A 100 -42.49 7.69 -27.66
CA THR A 100 -42.43 9.07 -28.11
C THR A 100 -43.03 9.22 -29.51
N GLY A 101 -43.29 8.10 -30.16
CA GLY A 101 -43.88 8.11 -31.49
C GLY A 101 -42.90 7.79 -32.61
N GLY A 102 -43.43 7.33 -33.75
CA GLY A 102 -42.61 6.97 -34.90
C GLY A 102 -42.39 5.47 -35.01
N ARG A 103 -41.72 5.03 -36.07
CA ARG A 103 -41.45 3.60 -36.21
C ARG A 103 -39.97 3.36 -35.94
N LEU A 104 -39.62 2.16 -35.52
CA LEU A 104 -38.25 1.80 -35.19
C LEU A 104 -37.25 2.24 -36.26
N THR A 105 -36.18 2.91 -35.85
CA THR A 105 -35.19 3.36 -36.79
C THR A 105 -33.82 2.85 -36.37
N TYR A 106 -33.83 1.87 -35.49
CA TYR A 106 -32.61 1.26 -35.01
C TYR A 106 -33.05 0.11 -34.16
N SER A 107 -32.37 -1.03 -34.32
CA SER A 107 -32.70 -2.18 -33.52
C SER A 107 -31.44 -2.94 -33.21
N ASN A 108 -31.56 -3.93 -32.35
CA ASN A 108 -30.43 -4.75 -31.98
C ASN A 108 -30.99 -6.03 -31.38
N TRP A 109 -31.97 -6.62 -32.06
CA TRP A 109 -32.59 -7.84 -31.59
C TRP A 109 -31.63 -9.01 -31.66
N LYS A 110 -32.01 -10.12 -31.05
CA LYS A 110 -31.17 -11.30 -31.10
C LYS A 110 -31.91 -12.35 -31.93
N LYS A 111 -31.15 -13.27 -32.51
CA LYS A 111 -31.72 -14.32 -33.35
C LYS A 111 -33.17 -14.67 -33.07
N ASP A 112 -33.98 -14.62 -34.10
CA ASP A 112 -35.39 -14.98 -34.02
C ASP A 112 -36.28 -14.14 -33.12
N GLU A 113 -35.74 -13.03 -32.63
CA GLU A 113 -36.53 -12.13 -31.81
C GLU A 113 -36.77 -10.91 -32.69
N PRO A 114 -37.96 -10.29 -32.60
CA PRO A 114 -39.14 -10.60 -31.80
C PRO A 114 -39.94 -11.82 -32.23
N ASN A 115 -40.47 -12.57 -31.25
CA ASN A 115 -41.27 -13.76 -31.55
C ASN A 115 -42.71 -13.75 -31.02
N ASP A 116 -43.17 -12.61 -30.50
CA ASP A 116 -44.53 -12.49 -29.97
C ASP A 116 -44.95 -13.82 -29.33
N HIS A 117 -44.05 -14.38 -28.52
CA HIS A 117 -44.25 -15.66 -27.83
C HIS A 117 -45.59 -15.86 -27.11
N GLY A 118 -45.91 -17.14 -26.86
CA GLY A 118 -47.12 -17.49 -26.16
C GLY A 118 -48.37 -16.77 -26.61
N SER A 119 -49.01 -16.10 -25.65
CA SER A 119 -50.22 -15.36 -25.93
C SER A 119 -49.88 -14.04 -26.57
N GLY A 120 -48.60 -13.68 -26.51
CA GLY A 120 -48.15 -12.44 -27.09
C GLY A 120 -47.15 -11.69 -26.24
N GLU A 121 -46.19 -11.07 -26.90
CA GLU A 121 -45.16 -10.28 -26.24
C GLU A 121 -45.11 -8.97 -27.02
N ASP A 122 -45.54 -7.87 -26.40
CA ASP A 122 -45.55 -6.58 -27.09
C ASP A 122 -44.55 -5.56 -26.51
N CYS A 123 -43.74 -5.99 -25.55
CA CYS A 123 -42.78 -5.08 -24.93
C CYS A 123 -41.34 -5.50 -25.22
N VAL A 124 -40.45 -4.52 -25.27
CA VAL A 124 -39.05 -4.79 -25.56
C VAL A 124 -38.14 -4.57 -24.36
N THR A 125 -37.21 -5.50 -24.15
CA THR A 125 -36.27 -5.39 -23.06
C THR A 125 -34.87 -5.69 -23.54
N ILE A 126 -33.94 -4.77 -23.28
CA ILE A 126 -32.57 -5.01 -23.67
C ILE A 126 -32.10 -6.09 -22.69
N VAL A 127 -31.47 -7.14 -23.21
CA VAL A 127 -31.02 -8.25 -22.38
C VAL A 127 -29.53 -8.42 -22.42
N ASP A 128 -29.04 -9.65 -22.24
CA ASP A 128 -27.61 -9.89 -22.21
C ASP A 128 -26.93 -9.65 -23.54
N ASN A 129 -25.78 -8.97 -23.47
CA ASN A 129 -24.99 -8.60 -24.64
C ASN A 129 -25.58 -7.36 -25.27
N GLY A 130 -26.56 -6.78 -24.58
CA GLY A 130 -27.20 -5.57 -25.08
C GLY A 130 -28.24 -5.88 -26.15
N LEU A 131 -28.44 -7.17 -26.44
CA LEU A 131 -29.42 -7.54 -27.46
C LEU A 131 -30.83 -7.30 -26.95
N TRP A 132 -31.80 -7.40 -27.87
CA TRP A 132 -33.19 -7.17 -27.53
C TRP A 132 -34.02 -8.43 -27.54
N ASN A 133 -35.19 -8.32 -26.93
CA ASN A 133 -36.12 -9.41 -26.88
C ASN A 133 -37.47 -8.87 -26.44
N ASP A 134 -38.53 -9.30 -27.12
CA ASP A 134 -39.83 -8.88 -26.73
C ASP A 134 -40.25 -9.82 -25.59
N ILE A 135 -40.98 -9.27 -24.62
CA ILE A 135 -41.45 -10.04 -23.47
C ILE A 135 -42.75 -9.39 -23.08
N SER A 136 -43.61 -10.08 -22.35
CA SER A 136 -44.89 -9.49 -21.97
C SER A 136 -44.67 -8.19 -21.22
N CYS A 137 -45.55 -7.23 -21.45
CA CYS A 137 -45.42 -5.95 -20.76
C CYS A 137 -45.68 -6.15 -19.26
N GLN A 138 -46.44 -7.19 -18.94
CA GLN A 138 -46.77 -7.51 -17.57
C GLN A 138 -45.57 -7.98 -16.77
N ALA A 139 -44.64 -8.66 -17.44
CA ALA A 139 -43.43 -9.13 -16.77
C ALA A 139 -42.77 -7.95 -16.06
N SER A 140 -41.79 -8.24 -15.22
CA SER A 140 -41.12 -7.18 -14.51
C SER A 140 -39.65 -7.06 -14.82
N HIS A 141 -39.27 -5.91 -15.35
CA HIS A 141 -37.87 -5.64 -15.69
C HIS A 141 -37.47 -4.25 -15.21
N THR A 142 -36.16 -4.04 -15.07
CA THR A 142 -35.59 -2.80 -14.60
C THR A 142 -36.14 -1.56 -15.27
N ALA A 143 -36.60 -0.60 -14.47
CA ALA A 143 -37.12 0.64 -15.04
C ALA A 143 -35.93 1.56 -15.28
N VAL A 144 -35.84 2.12 -16.48
CA VAL A 144 -34.73 3.00 -16.84
C VAL A 144 -35.29 4.22 -17.55
N CYS A 145 -34.78 5.41 -17.23
CA CYS A 145 -35.27 6.62 -17.86
C CYS A 145 -34.15 7.40 -18.46
N GLU A 146 -34.52 8.19 -19.47
CA GLU A 146 -33.57 9.04 -20.14
C GLU A 146 -34.04 10.47 -20.06
N PHE A 147 -33.09 11.37 -19.92
CA PHE A 147 -33.36 12.79 -19.86
C PHE A 147 -32.52 13.38 -20.98
N PRO A 148 -33.04 14.43 -21.62
CA PRO A 148 -32.37 15.11 -22.73
C PRO A 148 -30.93 15.48 -22.53
N ALA A 149 -30.22 15.63 -23.64
CA ALA A 149 -28.81 16.01 -23.63
C ALA A 149 -28.75 17.52 -23.45
N ALA B 1 -52.23 40.09 3.44
CA ALA B 1 -52.30 41.06 2.30
C ALA B 1 -51.01 41.87 2.23
N ILE B 2 -50.52 42.08 1.02
CA ILE B 2 -49.29 42.82 0.77
C ILE B 2 -48.20 42.60 1.82
N GLU B 3 -48.27 43.36 2.91
CA GLU B 3 -47.27 43.23 3.97
C GLU B 3 -47.20 41.85 4.60
N VAL B 4 -48.35 41.21 4.80
CA VAL B 4 -48.35 39.87 5.37
C VAL B 4 -47.86 38.91 4.30
N LYS B 5 -48.36 39.08 3.08
CA LYS B 5 -47.95 38.22 1.97
C LYS B 5 -46.44 38.30 1.76
N LEU B 6 -45.84 39.45 2.08
CA LEU B 6 -44.42 39.61 1.92
C LEU B 6 -43.64 38.82 2.97
N ALA B 7 -44.02 38.95 4.23
CA ALA B 7 -43.34 38.21 5.30
C ALA B 7 -43.51 36.72 5.08
N ASN B 8 -44.69 36.33 4.59
CA ASN B 8 -44.95 34.92 4.32
C ASN B 8 -44.02 34.45 3.21
N MET B 9 -43.89 35.26 2.17
CA MET B 9 -43.03 34.94 1.05
C MET B 9 -41.58 34.81 1.51
N GLU B 10 -41.08 35.84 2.19
CA GLU B 10 -39.69 35.82 2.68
C GLU B 10 -39.41 34.51 3.40
N ALA B 11 -40.41 33.97 4.05
CA ALA B 11 -40.27 32.72 4.78
C ALA B 11 -40.11 31.59 3.77
N GLU B 12 -41.02 31.58 2.79
CA GLU B 12 -40.99 30.59 1.73
C GLU B 12 -39.60 30.51 1.12
N ILE B 13 -39.02 31.68 0.87
CA ILE B 13 -37.69 31.76 0.27
C ILE B 13 -36.60 31.18 1.15
N ASN B 14 -36.60 31.52 2.44
CA ASN B 14 -35.60 30.99 3.36
C ASN B 14 -35.76 29.48 3.47
N THR B 15 -37.00 29.02 3.28
CA THR B 15 -37.29 27.60 3.32
C THR B 15 -36.58 26.90 2.16
N LEU B 16 -36.70 27.49 0.97
CA LEU B 16 -36.09 26.95 -0.23
C LEU B 16 -34.57 26.98 -0.08
N LYS B 17 -34.03 28.08 0.41
CA LYS B 17 -32.59 28.18 0.60
C LYS B 17 -32.09 27.01 1.41
N SER B 18 -32.83 26.65 2.46
CA SER B 18 -32.46 25.54 3.32
C SER B 18 -32.66 24.20 2.64
N LYS B 19 -33.83 24.03 2.04
CA LYS B 19 -34.17 22.79 1.35
C LYS B 19 -33.13 22.47 0.26
N LEU B 20 -32.56 23.51 -0.35
CA LEU B 20 -31.58 23.31 -1.38
C LEU B 20 -30.22 22.95 -0.75
N GLU B 21 -29.80 23.72 0.24
CA GLU B 21 -28.53 23.44 0.89
C GLU B 21 -28.57 22.02 1.46
N LEU B 22 -29.78 21.51 1.64
CA LEU B 22 -29.99 20.16 2.15
C LEU B 22 -29.72 19.23 0.98
N THR B 23 -30.46 19.47 -0.12
CA THR B 23 -30.31 18.71 -1.34
C THR B 23 -28.82 18.54 -1.63
N ASN B 24 -28.09 19.63 -1.49
CA ASN B 24 -26.67 19.60 -1.72
C ASN B 24 -25.91 18.74 -0.73
N LYS B 25 -26.23 18.87 0.56
CA LYS B 25 -25.55 18.07 1.57
C LYS B 25 -25.82 16.56 1.38
N LEU B 26 -27.05 16.20 1.04
CA LEU B 26 -27.37 14.80 0.86
C LEU B 26 -26.69 14.20 -0.37
N HIS B 27 -26.44 15.04 -1.37
CA HIS B 27 -25.78 14.58 -2.58
C HIS B 27 -24.31 14.26 -2.30
N ALA B 28 -23.58 15.22 -1.74
CA ALA B 28 -22.18 14.99 -1.42
C ALA B 28 -22.03 13.75 -0.52
N PHE B 29 -23.04 13.55 0.33
CA PHE B 29 -23.02 12.43 1.26
C PHE B 29 -23.04 11.12 0.50
N SER B 30 -24.02 10.99 -0.40
CA SER B 30 -24.15 9.78 -1.21
C SER B 30 -22.95 9.67 -2.17
N MET B 31 -22.24 10.76 -2.35
CA MET B 31 -21.09 10.71 -3.22
C MET B 31 -19.83 10.46 -2.41
N GLY B 32 -20.02 9.88 -1.23
CA GLY B 32 -18.92 9.55 -0.35
C GLY B 32 -18.14 10.64 0.36
N LYS B 33 -18.61 11.88 0.32
CA LYS B 33 -17.88 12.94 1.02
C LYS B 33 -17.79 12.69 2.51
N LYS B 34 -16.57 12.54 3.01
CA LYS B 34 -16.37 12.33 4.42
C LYS B 34 -16.45 13.69 5.09
N SER B 35 -16.91 13.70 6.34
CA SER B 35 -17.04 14.93 7.11
C SER B 35 -15.77 15.77 7.08
N GLY B 36 -15.91 17.03 6.68
CA GLY B 36 -14.76 17.93 6.64
C GLY B 36 -13.67 17.57 5.66
N LYS B 37 -14.00 16.70 4.70
CA LYS B 37 -13.03 16.27 3.71
C LYS B 37 -13.55 16.60 2.31
N LYS B 38 -12.70 17.16 1.45
CA LYS B 38 -13.14 17.49 0.11
C LYS B 38 -13.54 16.23 -0.67
N PHE B 39 -14.72 16.23 -1.27
CA PHE B 39 -15.13 15.03 -2.01
C PHE B 39 -14.92 15.15 -3.52
N PHE B 40 -14.67 14.00 -4.15
CA PHE B 40 -14.38 13.92 -5.58
C PHE B 40 -15.50 13.26 -6.39
N VAL B 41 -15.84 13.86 -7.53
CA VAL B 41 -16.93 13.36 -8.37
C VAL B 41 -16.52 13.06 -9.82
N THR B 42 -17.42 12.39 -10.55
CA THR B 42 -17.13 12.06 -11.94
C THR B 42 -18.32 11.53 -12.72
N ASN B 43 -18.26 11.70 -14.04
CA ASN B 43 -19.31 11.20 -14.92
C ASN B 43 -18.71 10.04 -15.69
N HIS B 44 -17.44 9.75 -15.41
CA HIS B 44 -16.65 8.69 -16.05
C HIS B 44 -16.18 9.00 -17.48
N GLU B 45 -16.52 10.17 -17.97
CA GLU B 45 -16.14 10.57 -19.32
C GLU B 45 -14.62 10.71 -19.49
N ARG B 46 -14.09 10.21 -20.60
CA ARG B 46 -12.67 10.37 -20.86
C ARG B 46 -12.54 11.57 -21.82
N MET B 47 -11.60 12.46 -21.54
CA MET B 47 -11.38 13.67 -22.34
C MET B 47 -9.99 14.28 -22.09
N PRO B 48 -9.57 15.24 -22.93
CA PRO B 48 -8.25 15.84 -22.71
C PRO B 48 -8.24 16.72 -21.47
N PHE B 49 -7.06 17.01 -20.95
CA PHE B 49 -6.94 17.84 -19.75
C PHE B 49 -7.70 19.14 -19.90
N SER B 50 -7.41 19.88 -20.97
CA SER B 50 -8.09 21.14 -21.20
C SER B 50 -9.61 21.01 -21.03
N LYS B 51 -10.17 19.92 -21.53
CA LYS B 51 -11.61 19.68 -21.43
C LYS B 51 -12.07 19.41 -19.99
N VAL B 52 -11.21 18.80 -19.18
CA VAL B 52 -11.57 18.51 -17.80
C VAL B 52 -11.51 19.79 -16.99
N LYS B 53 -10.43 20.55 -17.17
CA LYS B 53 -10.24 21.82 -16.48
C LYS B 53 -11.52 22.63 -16.62
N ALA B 54 -12.07 22.61 -17.82
CA ALA B 54 -13.27 23.34 -18.13
C ALA B 54 -14.53 22.73 -17.54
N LEU B 55 -14.66 21.41 -17.63
CA LEU B 55 -15.85 20.75 -17.09
C LEU B 55 -15.99 20.99 -15.60
N CYS B 56 -14.87 20.95 -14.91
CA CYS B 56 -14.86 21.17 -13.47
C CYS B 56 -15.20 22.61 -13.13
N SER B 57 -14.75 23.55 -13.96
CA SER B 57 -15.04 24.95 -13.70
C SER B 57 -16.52 25.29 -13.91
N GLU B 58 -17.18 24.64 -14.86
CA GLU B 58 -18.58 24.93 -15.13
C GLU B 58 -19.45 24.49 -13.97
N LEU B 59 -18.88 23.63 -13.12
CA LEU B 59 -19.58 23.11 -11.96
C LEU B 59 -19.03 23.83 -10.74
N ARG B 60 -18.12 24.76 -11.00
CA ARG B 60 -17.48 25.55 -9.97
C ARG B 60 -16.55 24.72 -9.10
N GLY B 61 -16.18 23.55 -9.60
CA GLY B 61 -15.26 22.71 -8.86
C GLY B 61 -13.87 22.88 -9.45
N THR B 62 -13.03 21.88 -9.24
CA THR B 62 -11.67 21.88 -9.76
C THR B 62 -11.29 20.44 -10.07
N VAL B 63 -10.19 20.28 -10.80
CA VAL B 63 -9.70 18.95 -11.13
C VAL B 63 -9.20 18.42 -9.80
N ALA B 64 -9.62 17.21 -9.46
CA ALA B 64 -9.23 16.57 -8.21
C ALA B 64 -7.76 16.76 -7.92
N ILE B 65 -7.45 17.10 -6.67
CA ILE B 65 -6.07 17.30 -6.28
C ILE B 65 -5.73 16.52 -5.01
N PRO B 66 -5.13 15.32 -5.17
CA PRO B 66 -4.79 14.54 -3.98
C PRO B 66 -3.53 15.09 -3.33
N ARG B 67 -3.61 15.50 -2.06
CA ARG B 67 -2.43 16.03 -1.38
C ARG B 67 -1.89 15.08 -0.32
N ASN B 68 -2.51 13.93 -0.18
CA ASN B 68 -2.09 12.94 0.79
C ASN B 68 -2.56 11.56 0.39
N ALA B 69 -2.14 10.54 1.12
CA ALA B 69 -2.54 9.17 0.83
C ALA B 69 -4.05 9.05 0.80
N GLU B 70 -4.73 9.63 1.79
CA GLU B 70 -6.19 9.59 1.89
C GLU B 70 -6.90 10.04 0.61
N GLU B 71 -6.77 11.33 0.32
CA GLU B 71 -7.39 11.92 -0.84
C GLU B 71 -7.08 11.15 -2.12
N ASN B 72 -5.85 10.65 -2.23
CA ASN B 72 -5.44 9.89 -3.40
C ASN B 72 -6.35 8.68 -3.51
N LYS B 73 -6.25 7.80 -2.53
CA LYS B 73 -7.06 6.58 -2.47
C LYS B 73 -8.54 6.88 -2.74
N ALA B 74 -9.03 8.00 -2.20
CA ALA B 74 -10.42 8.38 -2.40
C ALA B 74 -10.68 8.52 -3.90
N ILE B 75 -9.98 9.47 -4.51
CA ILE B 75 -10.03 9.74 -5.94
C ILE B 75 -9.89 8.44 -6.71
N GLN B 76 -8.79 7.73 -6.47
CA GLN B 76 -8.54 6.46 -7.13
C GLN B 76 -9.77 5.55 -7.13
N GLU B 77 -10.53 5.59 -6.04
CA GLU B 77 -11.73 4.76 -5.92
C GLU B 77 -12.94 5.38 -6.57
N VAL B 78 -12.76 6.60 -7.06
CA VAL B 78 -13.82 7.33 -7.73
C VAL B 78 -13.67 7.17 -9.24
N ALA B 79 -12.43 7.21 -9.70
CA ALA B 79 -12.11 7.06 -11.10
C ALA B 79 -12.30 5.61 -11.56
N LYS B 80 -11.72 4.67 -10.81
CA LYS B 80 -11.83 3.26 -11.15
C LYS B 80 -11.01 2.96 -12.41
N THR B 81 -10.50 4.03 -13.02
CA THR B 81 -9.70 3.97 -14.24
C THR B 81 -8.70 5.11 -14.10
N SER B 82 -7.99 5.43 -15.17
CA SER B 82 -7.01 6.51 -15.07
C SER B 82 -7.73 7.83 -15.27
N ALA B 83 -7.32 8.83 -14.49
CA ALA B 83 -7.94 10.15 -14.56
C ALA B 83 -6.90 11.22 -14.30
N PHE B 84 -7.07 12.40 -14.89
CA PHE B 84 -6.10 13.47 -14.65
C PHE B 84 -6.27 13.99 -13.24
N LEU B 85 -5.22 14.62 -12.73
CA LEU B 85 -5.23 15.21 -11.41
C LEU B 85 -4.93 16.69 -11.67
N GLY B 86 -5.42 17.58 -10.81
CA GLY B 86 -5.16 18.99 -11.01
C GLY B 86 -3.68 19.35 -10.92
N ILE B 87 -2.81 18.48 -11.42
CA ILE B 87 -1.36 18.73 -11.36
C ILE B 87 -0.65 18.70 -12.73
N THR B 88 0.22 19.67 -12.98
CA THR B 88 0.99 19.69 -14.23
C THR B 88 2.32 20.38 -14.02
N ASP B 89 3.19 20.27 -15.02
CA ASP B 89 4.49 20.93 -14.97
C ASP B 89 4.66 21.64 -16.33
N GLU B 90 3.51 22.07 -16.86
CA GLU B 90 3.44 22.78 -18.11
C GLU B 90 4.37 24.00 -18.14
N VAL B 91 4.50 24.70 -17.04
CA VAL B 91 5.32 25.89 -17.04
C VAL B 91 6.81 25.67 -16.98
N THR B 92 7.24 24.84 -16.04
CA THR B 92 8.66 24.56 -15.86
C THR B 92 8.79 23.05 -15.81
N GLU B 93 9.38 22.47 -16.87
CA GLU B 93 9.52 21.03 -16.93
C GLU B 93 10.26 20.54 -15.70
N GLY B 94 9.68 19.52 -15.06
CA GLY B 94 10.27 18.94 -13.86
C GLY B 94 9.90 19.64 -12.57
N GLN B 95 8.90 20.52 -12.63
CA GLN B 95 8.47 21.25 -11.44
C GLN B 95 6.96 21.27 -11.41
N PHE B 96 6.39 20.12 -11.09
CA PHE B 96 4.94 19.99 -11.03
C PHE B 96 4.30 20.93 -10.01
N MET B 97 3.25 21.62 -10.47
CA MET B 97 2.51 22.59 -9.68
C MET B 97 1.04 22.20 -9.58
N TYR B 98 0.31 22.92 -8.73
CA TYR B 98 -1.12 22.65 -8.62
C TYR B 98 -1.83 23.64 -9.52
N VAL B 99 -2.88 23.20 -10.21
CA VAL B 99 -3.63 24.10 -11.08
C VAL B 99 -4.12 25.25 -10.20
N THR B 100 -4.28 24.97 -8.92
CA THR B 100 -4.73 25.97 -7.98
C THR B 100 -3.56 26.77 -7.42
N GLY B 101 -2.36 26.49 -7.92
CA GLY B 101 -1.18 27.22 -7.47
C GLY B 101 -0.20 26.51 -6.55
N GLY B 102 1.06 26.89 -6.64
CA GLY B 102 2.08 26.32 -5.77
C GLY B 102 2.64 24.96 -6.11
N ARG B 103 3.89 24.74 -5.68
CA ARG B 103 4.59 23.48 -5.91
C ARG B 103 3.89 22.37 -5.17
N LEU B 104 4.10 21.15 -5.64
CA LEU B 104 3.53 19.96 -5.04
C LEU B 104 4.17 19.77 -3.67
N THR B 105 3.43 19.22 -2.71
CA THR B 105 4.00 18.99 -1.39
C THR B 105 3.94 17.50 -1.06
N TYR B 106 3.37 16.75 -1.99
CA TYR B 106 3.24 15.30 -1.87
C TYR B 106 2.99 14.65 -3.24
N SER B 107 3.60 13.49 -3.48
CA SER B 107 3.41 12.79 -4.74
C SER B 107 3.24 11.31 -4.45
N ASN B 108 3.02 10.53 -5.49
CA ASN B 108 2.86 9.09 -5.34
C ASN B 108 3.10 8.43 -6.69
N TRP B 109 4.14 8.92 -7.36
CA TRP B 109 4.57 8.46 -8.70
C TRP B 109 4.84 6.97 -8.74
N LYS B 110 4.75 6.40 -9.94
CA LYS B 110 5.04 4.99 -10.18
C LYS B 110 6.57 4.94 -10.15
N LYS B 111 7.16 3.77 -10.32
CA LYS B 111 8.62 3.71 -10.31
C LYS B 111 9.09 4.29 -11.63
N ASP B 112 10.16 5.07 -11.60
CA ASP B 112 10.69 5.67 -12.83
C ASP B 112 9.71 6.68 -13.43
N GLU B 113 9.00 7.39 -12.57
CA GLU B 113 8.07 8.40 -13.01
C GLU B 113 8.30 9.61 -12.12
N PRO B 114 8.05 10.81 -12.63
CA PRO B 114 7.56 11.12 -13.97
C PRO B 114 8.72 11.01 -14.99
N ASN B 115 8.42 10.78 -16.26
CA ASN B 115 9.50 10.63 -17.25
C ASN B 115 9.44 11.55 -18.48
N ASP B 116 8.38 12.36 -18.60
CA ASP B 116 8.24 13.30 -19.72
C ASP B 116 8.45 12.57 -21.06
N HIS B 117 8.03 11.31 -21.09
CA HIS B 117 8.17 10.45 -22.26
C HIS B 117 7.74 11.01 -23.63
N GLY B 118 8.62 10.88 -24.62
CA GLY B 118 8.32 11.31 -25.98
C GLY B 118 8.38 12.80 -26.29
N SER B 119 7.34 13.29 -26.96
CA SER B 119 7.25 14.72 -27.30
C SER B 119 7.21 15.46 -25.97
N GLY B 120 6.81 14.71 -24.94
CA GLY B 120 6.73 15.26 -23.61
C GLY B 120 5.47 14.85 -22.90
N GLU B 121 5.57 14.79 -21.58
CA GLU B 121 4.44 14.47 -20.73
C GLU B 121 4.46 15.50 -19.63
N ASP B 122 3.49 16.41 -19.68
CA ASP B 122 3.37 17.51 -18.72
C ASP B 122 2.14 17.45 -17.83
N CYS B 123 1.33 16.42 -18.01
CA CYS B 123 0.15 16.23 -17.19
C CYS B 123 0.33 15.03 -16.25
N VAL B 124 -0.67 14.74 -15.42
CA VAL B 124 -0.54 13.62 -14.49
C VAL B 124 -1.82 12.82 -14.33
N THR B 125 -1.67 11.51 -14.24
CA THR B 125 -2.85 10.68 -14.06
C THR B 125 -2.65 9.69 -12.92
N ILE B 126 -3.74 9.41 -12.21
CA ILE B 126 -3.70 8.45 -11.14
C ILE B 126 -4.11 7.20 -11.89
N VAL B 127 -3.26 6.18 -11.82
CA VAL B 127 -3.54 4.94 -12.55
C VAL B 127 -3.98 3.71 -11.74
N ASP B 128 -3.04 2.83 -11.44
CA ASP B 128 -3.33 1.62 -10.70
C ASP B 128 -2.75 1.78 -9.31
N ASN B 129 -3.49 1.30 -8.32
CA ASN B 129 -3.03 1.38 -6.94
C ASN B 129 -2.92 2.86 -6.61
N GLY B 130 -3.53 3.67 -7.48
CA GLY B 130 -3.49 5.10 -7.30
C GLY B 130 -2.09 5.67 -7.52
N LEU B 131 -1.26 4.92 -8.23
CA LEU B 131 0.10 5.39 -8.51
C LEU B 131 0.07 6.45 -9.62
N TRP B 132 1.06 7.32 -9.62
CA TRP B 132 1.10 8.42 -10.58
C TRP B 132 1.97 8.23 -11.82
N ASN B 133 1.53 8.85 -12.91
CA ASN B 133 2.25 8.78 -14.17
C ASN B 133 2.06 10.03 -15.03
N ASP B 134 3.13 10.78 -15.29
CA ASP B 134 2.96 11.96 -16.13
C ASP B 134 2.68 11.57 -17.58
N ILE B 135 1.59 12.08 -18.13
CA ILE B 135 1.19 11.77 -19.50
C ILE B 135 1.12 13.04 -20.37
N SER B 136 0.51 12.93 -21.55
CA SER B 136 0.37 14.07 -22.46
C SER B 136 -0.97 14.74 -22.24
N CYS B 137 -0.96 16.03 -21.90
CA CYS B 137 -2.19 16.77 -21.65
C CYS B 137 -3.23 16.70 -22.76
N GLN B 138 -2.89 16.02 -23.85
CA GLN B 138 -3.79 15.87 -24.98
C GLN B 138 -4.43 14.50 -24.99
N ALA B 139 -3.87 13.57 -24.22
CA ALA B 139 -4.44 12.24 -24.14
C ALA B 139 -5.78 12.36 -23.39
N SER B 140 -6.73 11.50 -23.72
CA SER B 140 -8.02 11.57 -23.06
C SER B 140 -8.04 10.70 -21.83
N HIS B 141 -8.54 11.26 -20.72
CA HIS B 141 -8.64 10.52 -19.48
C HIS B 141 -9.88 10.88 -18.69
N THR B 142 -10.20 10.06 -17.70
CA THR B 142 -11.38 10.27 -16.89
C THR B 142 -11.38 11.62 -16.19
N ALA B 143 -12.48 12.34 -16.33
CA ALA B 143 -12.62 13.66 -15.74
C ALA B 143 -13.14 13.45 -14.34
N VAL B 144 -12.43 14.05 -13.39
CA VAL B 144 -12.81 13.94 -11.99
C VAL B 144 -12.64 15.29 -11.30
N CYS B 145 -13.75 15.85 -10.84
CA CYS B 145 -13.71 17.13 -10.16
C CYS B 145 -13.77 17.03 -8.63
N GLU B 146 -13.24 18.05 -7.98
CA GLU B 146 -13.26 18.11 -6.52
C GLU B 146 -14.00 19.35 -6.02
N PHE B 147 -14.71 19.19 -4.91
CA PHE B 147 -15.46 20.29 -4.31
C PHE B 147 -15.04 20.46 -2.86
N PRO B 148 -15.03 21.70 -2.35
CA PRO B 148 -14.66 22.08 -0.98
C PRO B 148 -15.17 21.19 0.15
N ALA B 149 -14.32 21.05 1.17
CA ALA B 149 -14.63 20.25 2.35
C ALA B 149 -15.67 20.95 3.21
N ALA C 1 -45.99 48.08 -10.28
CA ALA C 1 -47.19 47.78 -9.45
C ALA C 1 -46.88 46.67 -8.44
N ILE C 2 -46.62 47.09 -7.21
CA ILE C 2 -46.32 46.17 -6.11
C ILE C 2 -47.26 44.98 -6.11
N GLU C 3 -48.54 45.24 -6.34
CA GLU C 3 -49.55 44.19 -6.37
C GLU C 3 -49.16 43.12 -7.38
N VAL C 4 -48.67 43.55 -8.54
CA VAL C 4 -48.26 42.64 -9.60
C VAL C 4 -47.02 41.87 -9.19
N LYS C 5 -45.90 42.57 -9.10
CA LYS C 5 -44.63 41.98 -8.72
C LYS C 5 -44.80 40.82 -7.74
N LEU C 6 -45.50 41.07 -6.64
CA LEU C 6 -45.75 40.04 -5.63
C LEU C 6 -46.26 38.74 -6.24
N ALA C 7 -47.34 38.82 -7.01
CA ALA C 7 -47.91 37.66 -7.64
C ALA C 7 -46.88 36.97 -8.53
N ASN C 8 -46.09 37.77 -9.25
CA ASN C 8 -45.06 37.25 -10.14
C ASN C 8 -44.02 36.49 -9.33
N MET C 9 -43.67 37.02 -8.16
CA MET C 9 -42.70 36.37 -7.31
C MET C 9 -43.30 35.14 -6.66
N GLU C 10 -44.60 35.16 -6.40
CA GLU C 10 -45.19 33.97 -5.80
C GLU C 10 -45.19 32.86 -6.85
N ALA C 11 -44.99 33.26 -8.10
CA ALA C 11 -44.95 32.29 -9.20
C ALA C 11 -43.54 31.73 -9.30
N GLU C 12 -42.55 32.62 -9.28
CA GLU C 12 -41.15 32.21 -9.36
C GLU C 12 -40.81 31.27 -8.20
N ILE C 13 -41.57 31.39 -7.12
CA ILE C 13 -41.34 30.55 -5.95
C ILE C 13 -41.87 29.15 -6.20
N ASN C 14 -43.16 29.05 -6.48
CA ASN C 14 -43.79 27.77 -6.75
C ASN C 14 -43.08 26.95 -7.82
N THR C 15 -42.65 27.63 -8.89
CA THR C 15 -41.93 26.92 -9.95
C THR C 15 -40.67 26.30 -9.35
N LEU C 16 -39.92 27.09 -8.58
CA LEU C 16 -38.69 26.59 -7.95
C LEU C 16 -39.05 25.47 -6.99
N LYS C 17 -40.01 25.72 -6.12
CA LYS C 17 -40.42 24.69 -5.17
C LYS C 17 -40.76 23.41 -5.91
N SER C 18 -41.34 23.54 -7.10
CA SER C 18 -41.72 22.37 -7.88
C SER C 18 -40.50 21.73 -8.52
N LYS C 19 -39.56 22.56 -8.95
CA LYS C 19 -38.33 22.06 -9.56
C LYS C 19 -37.51 21.30 -8.55
N LEU C 20 -37.14 21.97 -7.47
CA LEU C 20 -36.34 21.34 -6.42
C LEU C 20 -37.00 20.03 -5.98
N GLU C 21 -38.33 19.98 -6.00
CA GLU C 21 -39.02 18.78 -5.60
C GLU C 21 -38.68 17.70 -6.60
N LEU C 22 -38.72 18.07 -7.87
CA LEU C 22 -38.41 17.15 -8.95
C LEU C 22 -36.95 16.73 -8.84
N THR C 23 -36.09 17.71 -8.60
CA THR C 23 -34.67 17.47 -8.45
C THR C 23 -34.43 16.41 -7.38
N ASN C 24 -35.25 16.43 -6.34
CA ASN C 24 -35.10 15.48 -5.27
C ASN C 24 -35.70 14.12 -5.62
N LYS C 25 -36.78 14.09 -6.37
CA LYS C 25 -37.34 12.81 -6.71
C LYS C 25 -36.38 12.06 -7.64
N LEU C 26 -35.55 12.80 -8.37
CA LEU C 26 -34.60 12.18 -9.28
C LEU C 26 -33.31 11.84 -8.57
N HIS C 27 -33.06 12.50 -7.44
CA HIS C 27 -31.86 12.25 -6.64
C HIS C 27 -32.04 10.94 -5.87
N ALA C 28 -33.27 10.68 -5.41
CA ALA C 28 -33.55 9.46 -4.67
C ALA C 28 -33.44 8.27 -5.64
N PHE C 29 -34.14 8.40 -6.77
CA PHE C 29 -34.16 7.40 -7.83
C PHE C 29 -32.71 7.08 -8.16
N SER C 30 -31.90 8.13 -8.26
CA SER C 30 -30.51 7.94 -8.55
C SER C 30 -29.91 7.07 -7.45
N MET C 31 -30.21 7.40 -6.19
CA MET C 31 -29.68 6.69 -5.03
C MET C 31 -30.30 5.30 -4.82
N GLY C 32 -31.13 4.87 -5.77
CA GLY C 32 -31.72 3.55 -5.67
C GLY C 32 -32.97 3.35 -4.83
N LYS C 33 -33.68 4.44 -4.50
CA LYS C 33 -34.90 4.31 -3.72
C LYS C 33 -35.97 3.57 -4.53
N LYS C 34 -36.50 2.48 -3.98
CA LYS C 34 -37.57 1.76 -4.67
C LYS C 34 -38.87 2.56 -4.51
N SER C 35 -39.81 2.33 -5.42
CA SER C 35 -41.09 3.03 -5.44
C SER C 35 -41.88 2.92 -4.14
N GLY C 36 -42.07 4.08 -3.49
CA GLY C 36 -42.80 4.13 -2.24
C GLY C 36 -42.16 3.29 -1.14
N LYS C 37 -40.84 3.36 -1.04
CA LYS C 37 -40.17 2.57 -0.03
C LYS C 37 -39.03 3.27 0.69
N LYS C 38 -38.87 2.97 1.99
CA LYS C 38 -37.77 3.61 2.71
C LYS C 38 -36.48 3.08 2.08
N PHE C 39 -35.54 3.99 1.89
CA PHE C 39 -34.29 3.68 1.24
C PHE C 39 -33.11 4.26 2.01
N PHE C 40 -32.04 3.48 2.12
CA PHE C 40 -30.83 3.87 2.86
C PHE C 40 -29.78 4.61 2.05
N VAL C 41 -28.76 5.13 2.71
CA VAL C 41 -27.68 5.89 2.07
C VAL C 41 -26.49 5.95 3.02
N THR C 42 -25.28 6.07 2.47
CA THR C 42 -24.06 6.12 3.29
C THR C 42 -22.87 6.74 2.58
N ASN C 43 -21.98 7.36 3.34
CA ASN C 43 -20.78 7.95 2.77
C ASN C 43 -19.59 7.07 3.14
N HIS C 44 -19.88 5.91 3.72
CA HIS C 44 -18.86 4.93 4.11
C HIS C 44 -17.94 5.42 5.19
N GLU C 45 -18.30 6.52 5.83
CA GLU C 45 -17.46 7.04 6.91
C GLU C 45 -17.76 6.32 8.25
N ARG C 46 -16.71 6.08 9.03
CA ARG C 46 -16.85 5.42 10.34
C ARG C 46 -16.84 6.51 11.41
N MET C 47 -17.65 6.35 12.44
CA MET C 47 -17.70 7.36 13.49
C MET C 47 -18.54 6.85 14.66
N PRO C 48 -18.52 7.58 15.80
CA PRO C 48 -19.29 7.16 16.96
C PRO C 48 -20.77 7.26 16.65
N PHE C 49 -21.59 6.63 17.48
CA PHE C 49 -23.03 6.64 17.30
C PHE C 49 -23.59 8.07 17.50
N SER C 50 -22.90 8.88 18.29
CA SER C 50 -23.39 10.23 18.52
C SER C 50 -23.26 11.06 17.25
N LYS C 51 -22.17 10.86 16.50
CA LYS C 51 -21.94 11.59 15.25
C LYS C 51 -22.87 11.08 14.15
N VAL C 52 -23.06 9.76 14.08
CA VAL C 52 -23.96 9.23 13.05
C VAL C 52 -25.37 9.78 13.31
N LYS C 53 -25.85 9.62 14.55
CA LYS C 53 -27.18 10.13 14.93
C LYS C 53 -27.24 11.61 14.56
N ALA C 54 -26.12 12.30 14.75
CA ALA C 54 -26.05 13.71 14.41
C ALA C 54 -26.23 13.88 12.89
N LEU C 55 -25.21 13.45 12.16
CA LEU C 55 -25.18 13.52 10.70
C LEU C 55 -26.49 13.15 10.02
N CYS C 56 -27.16 12.09 10.48
CA CYS C 56 -28.41 11.72 9.86
C CYS C 56 -29.49 12.77 10.07
N SER C 57 -29.38 13.56 11.13
CA SER C 57 -30.40 14.56 11.33
C SER C 57 -30.17 15.76 10.43
N GLU C 58 -28.91 16.19 10.34
CA GLU C 58 -28.55 17.32 9.53
C GLU C 58 -28.99 17.07 8.07
N LEU C 59 -29.24 15.80 7.74
CA LEU C 59 -29.67 15.42 6.41
C LEU C 59 -31.13 15.07 6.42
N ARG C 60 -31.79 15.46 7.50
CA ARG C 60 -33.21 15.23 7.69
C ARG C 60 -33.58 13.75 7.65
N GLY C 61 -32.64 12.90 8.02
CA GLY C 61 -32.89 11.46 8.02
C GLY C 61 -32.61 10.82 9.37
N THR C 62 -32.99 9.56 9.51
CA THR C 62 -32.80 8.82 10.75
C THR C 62 -31.74 7.74 10.59
N VAL C 63 -31.07 7.39 11.68
CA VAL C 63 -30.08 6.33 11.62
C VAL C 63 -30.82 5.07 11.18
N ALA C 64 -30.23 4.36 10.22
CA ALA C 64 -30.80 3.15 9.63
C ALA C 64 -31.45 2.18 10.62
N ILE C 65 -32.63 1.72 10.26
CA ILE C 65 -33.40 0.82 11.08
C ILE C 65 -34.10 -0.26 10.24
N PRO C 66 -33.59 -1.50 10.30
CA PRO C 66 -34.19 -2.59 9.53
C PRO C 66 -35.45 -3.11 10.23
N ARG C 67 -36.60 -2.86 9.63
CA ARG C 67 -37.84 -3.31 10.25
C ARG C 67 -38.36 -4.62 9.65
N ASN C 68 -37.45 -5.37 9.05
CA ASN C 68 -37.78 -6.67 8.45
C ASN C 68 -36.55 -7.25 7.78
N ALA C 69 -36.65 -8.48 7.30
CA ALA C 69 -35.52 -9.16 6.63
C ALA C 69 -34.95 -8.37 5.44
N GLU C 70 -35.82 -7.93 4.55
CA GLU C 70 -35.41 -7.18 3.37
C GLU C 70 -34.51 -6.01 3.74
N GLU C 71 -35.07 -5.04 4.46
CA GLU C 71 -34.33 -3.85 4.87
C GLU C 71 -32.99 -4.15 5.52
N ASN C 72 -32.88 -5.33 6.10
CA ASN C 72 -31.63 -5.74 6.75
C ASN C 72 -30.62 -6.15 5.68
N LYS C 73 -31.05 -7.03 4.77
CA LYS C 73 -30.19 -7.46 3.67
C LYS C 73 -29.76 -6.21 2.91
N ALA C 74 -30.73 -5.33 2.70
CA ALA C 74 -30.53 -4.07 2.01
C ALA C 74 -29.51 -3.16 2.68
N ILE C 75 -29.55 -3.07 4.01
CA ILE C 75 -28.58 -2.22 4.72
C ILE C 75 -27.20 -2.83 4.61
N GLN C 76 -27.15 -4.16 4.54
CA GLN C 76 -25.88 -4.87 4.42
C GLN C 76 -25.24 -4.52 3.09
N GLU C 77 -26.08 -4.49 2.06
CA GLU C 77 -25.65 -4.16 0.71
C GLU C 77 -24.91 -2.82 0.63
N VAL C 78 -25.51 -1.82 1.27
CA VAL C 78 -24.98 -0.47 1.26
C VAL C 78 -23.64 -0.20 1.94
N ALA C 79 -23.49 -0.69 3.17
CA ALA C 79 -22.28 -0.41 3.91
C ALA C 79 -21.10 -1.34 3.74
N LYS C 80 -21.33 -2.55 3.25
CA LYS C 80 -20.25 -3.51 3.09
C LYS C 80 -19.88 -3.92 4.50
N THR C 81 -19.14 -3.06 5.19
CA THR C 81 -18.72 -3.32 6.57
C THR C 81 -19.80 -3.23 7.64
N SER C 82 -19.36 -2.97 8.88
CA SER C 82 -20.27 -2.86 10.01
C SER C 82 -20.73 -1.41 10.17
N ALA C 83 -21.99 -1.25 10.54
CA ALA C 83 -22.58 0.06 10.72
C ALA C 83 -23.65 0.01 11.82
N PHE C 84 -23.76 1.09 12.59
CA PHE C 84 -24.75 1.18 13.67
C PHE C 84 -26.16 1.16 13.11
N LEU C 85 -27.11 0.82 13.96
CA LEU C 85 -28.52 0.79 13.60
C LEU C 85 -29.24 1.75 14.53
N GLY C 86 -30.48 2.11 14.18
CA GLY C 86 -31.22 3.03 15.02
C GLY C 86 -31.75 2.34 16.27
N ILE C 87 -30.92 1.50 16.87
CA ILE C 87 -31.31 0.76 18.05
C ILE C 87 -30.33 0.84 19.20
N THR C 88 -30.84 1.11 20.39
CA THR C 88 -30.03 1.16 21.60
C THR C 88 -30.88 0.75 22.78
N ASP C 89 -30.24 0.66 23.94
CA ASP C 89 -30.92 0.28 25.17
C ASP C 89 -30.32 1.14 26.28
N GLU C 90 -29.93 2.35 25.89
CA GLU C 90 -29.33 3.32 26.82
C GLU C 90 -30.35 3.73 27.88
N VAL C 91 -31.62 3.66 27.52
CA VAL C 91 -32.70 4.02 28.43
C VAL C 91 -32.91 2.95 29.50
N THR C 92 -32.91 1.69 29.07
CA THR C 92 -33.13 0.57 29.98
C THR C 92 -32.33 -0.67 29.53
N GLU C 93 -31.18 -0.88 30.17
CA GLU C 93 -30.30 -2.00 29.84
C GLU C 93 -31.07 -3.26 29.48
N GLY C 94 -30.74 -3.86 28.35
CA GLY C 94 -31.42 -5.07 27.94
C GLY C 94 -32.73 -4.83 27.23
N GLN C 95 -33.19 -3.58 27.21
CA GLN C 95 -34.45 -3.25 26.55
C GLN C 95 -34.25 -2.33 25.33
N PHE C 96 -33.88 -2.93 24.20
CA PHE C 96 -33.60 -2.19 22.96
C PHE C 96 -34.76 -1.45 22.30
N MET C 97 -34.52 -0.15 22.12
CA MET C 97 -35.50 0.78 21.55
C MET C 97 -35.02 1.49 20.26
N TYR C 98 -35.92 1.67 19.31
CA TYR C 98 -35.57 2.40 18.09
C TYR C 98 -35.37 3.84 18.49
N VAL C 99 -34.37 4.49 17.91
CA VAL C 99 -34.14 5.89 18.24
C VAL C 99 -35.41 6.71 17.98
N THR C 100 -36.35 6.13 17.22
CA THR C 100 -37.60 6.82 16.90
C THR C 100 -38.77 6.42 17.80
N GLY C 101 -38.49 5.59 18.80
CA GLY C 101 -39.55 5.15 19.69
C GLY C 101 -40.06 3.78 19.29
N GLY C 102 -40.53 3.02 20.29
CA GLY C 102 -41.03 1.69 20.06
C GLY C 102 -39.96 0.68 20.47
N ARG C 103 -40.38 -0.57 20.65
CA ARG C 103 -39.47 -1.65 21.01
C ARG C 103 -39.25 -2.50 19.76
N LEU C 104 -38.06 -3.10 19.62
CA LEU C 104 -37.72 -3.92 18.46
C LEU C 104 -38.82 -4.89 18.07
N THR C 105 -39.16 -4.91 16.79
CA THR C 105 -40.18 -5.80 16.27
C THR C 105 -39.49 -6.87 15.46
N TYR C 106 -38.42 -6.47 14.79
CA TYR C 106 -37.63 -7.37 13.97
C TYR C 106 -36.22 -7.34 14.49
N SER C 107 -35.66 -8.53 14.75
CA SER C 107 -34.30 -8.61 15.25
C SER C 107 -33.50 -9.58 14.42
N ASN C 108 -32.22 -9.70 14.74
CA ASN C 108 -31.35 -10.57 14.00
C ASN C 108 -30.00 -10.57 14.68
N TRP C 109 -29.99 -11.01 15.94
CA TRP C 109 -28.75 -11.06 16.71
C TRP C 109 -27.91 -12.30 16.40
N LYS C 110 -26.67 -12.27 16.88
CA LYS C 110 -25.75 -13.39 16.71
C LYS C 110 -25.82 -14.18 18.01
N LYS C 111 -25.32 -15.42 18.01
CA LYS C 111 -25.36 -16.25 19.21
C LYS C 111 -24.81 -15.44 20.39
N ASP C 112 -25.48 -15.55 21.54
CA ASP C 112 -25.09 -14.83 22.76
C ASP C 112 -25.10 -13.31 22.58
N GLU C 113 -26.05 -12.82 21.78
CA GLU C 113 -26.17 -11.38 21.53
C GLU C 113 -27.62 -10.88 21.62
N PRO C 114 -27.81 -9.68 22.20
CA PRO C 114 -26.74 -8.82 22.75
C PRO C 114 -26.14 -9.44 23.99
N ASN C 115 -25.34 -8.69 24.74
CA ASN C 115 -24.72 -9.24 25.93
C ASN C 115 -24.07 -8.17 26.82
N ASP C 116 -24.24 -6.91 26.44
CA ASP C 116 -23.69 -5.78 27.18
C ASP C 116 -22.22 -6.00 27.58
N HIS C 117 -21.64 -7.08 27.05
CA HIS C 117 -20.25 -7.46 27.32
C HIS C 117 -19.34 -6.33 27.77
N GLY C 118 -18.42 -6.69 28.67
CA GLY C 118 -17.45 -5.75 29.19
C GLY C 118 -18.05 -4.57 29.93
N SER C 119 -17.49 -3.40 29.66
CA SER C 119 -17.94 -2.16 30.28
C SER C 119 -19.37 -1.79 29.92
N GLY C 120 -20.03 -2.64 29.13
CA GLY C 120 -21.39 -2.36 28.73
C GLY C 120 -21.49 -1.93 27.28
N GLU C 121 -22.30 -2.65 26.52
CA GLU C 121 -22.52 -2.37 25.11
C GLU C 121 -23.98 -1.97 24.89
N ASP C 122 -24.20 -0.69 24.55
CA ASP C 122 -25.56 -0.19 24.34
C ASP C 122 -26.03 0.14 22.91
N CYS C 123 -25.13 0.02 21.94
CA CYS C 123 -25.49 0.26 20.55
C CYS C 123 -25.46 -1.02 19.74
N VAL C 124 -26.25 -1.08 18.68
CA VAL C 124 -26.30 -2.26 17.84
C VAL C 124 -25.71 -2.00 16.46
N THR C 125 -24.80 -2.85 16.02
CA THR C 125 -24.18 -2.69 14.70
C THR C 125 -24.35 -3.96 13.91
N ILE C 126 -24.86 -3.85 12.69
CA ILE C 126 -25.01 -5.03 11.86
C ILE C 126 -23.61 -5.24 11.26
N VAL C 127 -23.14 -6.47 11.27
CA VAL C 127 -21.81 -6.78 10.75
C VAL C 127 -21.87 -7.44 9.38
N ASP C 128 -20.76 -7.33 8.64
CA ASP C 128 -20.67 -7.93 7.31
C ASP C 128 -21.08 -9.37 7.47
N ASN C 129 -22.37 -9.61 7.35
CA ASN C 129 -22.92 -10.95 7.55
C ASN C 129 -24.44 -10.84 7.56
N GLY C 130 -24.92 -9.75 8.14
CA GLY C 130 -26.35 -9.51 8.24
C GLY C 130 -26.85 -9.58 9.67
N LEU C 131 -26.14 -10.31 10.52
CA LEU C 131 -26.53 -10.45 11.91
C LEU C 131 -26.05 -9.23 12.69
N TRP C 132 -26.65 -8.97 13.85
CA TRP C 132 -26.21 -7.83 14.64
C TRP C 132 -25.54 -8.28 15.93
N ASN C 133 -24.87 -7.33 16.56
CA ASN C 133 -24.17 -7.56 17.80
C ASN C 133 -24.14 -6.23 18.54
N ASP C 134 -24.38 -6.25 19.84
CA ASP C 134 -24.36 -5.00 20.60
C ASP C 134 -22.93 -4.59 20.89
N ILE C 135 -22.66 -3.29 20.86
CA ILE C 135 -21.32 -2.77 21.09
C ILE C 135 -21.34 -1.37 21.70
N SER C 136 -20.18 -0.94 22.18
CA SER C 136 -20.03 0.37 22.78
C SER C 136 -20.45 1.46 21.81
N CYS C 137 -21.27 2.40 22.29
CA CYS C 137 -21.73 3.50 21.45
C CYS C 137 -20.63 4.53 21.20
N GLN C 138 -19.55 4.46 21.96
CA GLN C 138 -18.47 5.41 21.76
C GLN C 138 -17.50 4.83 20.74
N ALA C 139 -17.83 3.64 20.25
CA ALA C 139 -17.02 2.93 19.27
C ALA C 139 -16.83 3.76 18.00
N SER C 140 -17.16 3.19 16.84
CA SER C 140 -16.99 3.91 15.60
C SER C 140 -17.19 3.03 14.37
N HIS C 141 -18.38 3.08 13.79
CA HIS C 141 -18.65 2.27 12.60
C HIS C 141 -19.21 3.07 11.43
N THR C 142 -19.58 2.37 10.36
CA THR C 142 -20.11 3.01 9.16
C THR C 142 -21.40 3.80 9.39
N ALA C 143 -21.37 5.09 9.06
CA ALA C 143 -22.54 5.96 9.21
C ALA C 143 -23.53 5.63 8.10
N VAL C 144 -24.77 5.34 8.47
CA VAL C 144 -25.79 5.00 7.49
C VAL C 144 -27.16 5.53 7.91
N CYS C 145 -27.72 6.41 7.08
CA CYS C 145 -29.02 7.02 7.31
C CYS C 145 -30.10 6.40 6.45
N GLU C 146 -31.36 6.58 6.85
CA GLU C 146 -32.48 6.06 6.07
C GLU C 146 -33.38 7.25 5.76
N PHE C 147 -34.30 7.06 4.82
CA PHE C 147 -35.20 8.13 4.43
C PHE C 147 -36.54 7.50 4.17
N PRO C 148 -37.61 8.16 4.63
CA PRO C 148 -39.04 7.79 4.54
C PRO C 148 -39.49 7.32 3.16
N ALA C 149 -40.41 6.36 3.16
CA ALA C 149 -40.95 5.84 1.92
C ALA C 149 -41.61 6.97 1.10
N ALA D 1 32.26 -47.48 28.40
CA ALA D 1 31.87 -46.13 28.92
C ALA D 1 32.92 -45.09 28.55
N ILE D 2 33.99 -45.02 29.32
CA ILE D 2 35.06 -44.06 29.07
C ILE D 2 35.74 -44.33 27.72
N GLU D 3 35.01 -45.02 26.84
CA GLU D 3 35.50 -45.36 25.51
C GLU D 3 34.43 -44.90 24.53
N VAL D 4 33.18 -45.18 24.88
CA VAL D 4 32.07 -44.80 24.04
C VAL D 4 31.99 -43.28 24.02
N LYS D 5 32.26 -42.67 25.18
CA LYS D 5 32.25 -41.21 25.29
C LYS D 5 33.19 -40.66 24.23
N LEU D 6 34.31 -41.35 24.04
CA LEU D 6 35.30 -40.95 23.06
C LEU D 6 34.74 -41.10 21.64
N ALA D 7 33.78 -42.01 21.48
CA ALA D 7 33.16 -42.25 20.19
C ALA D 7 32.15 -41.17 19.86
N ASN D 8 31.25 -40.91 20.81
CA ASN D 8 30.23 -39.89 20.62
C ASN D 8 30.84 -38.54 20.35
N MET D 9 31.94 -38.23 21.05
CA MET D 9 32.59 -36.94 20.84
C MET D 9 33.15 -36.85 19.44
N GLU D 10 33.25 -37.98 18.76
CA GLU D 10 33.75 -37.97 17.40
C GLU D 10 32.63 -37.48 16.50
N ALA D 11 31.44 -38.05 16.68
CA ALA D 11 30.27 -37.68 15.88
C ALA D 11 29.92 -36.22 16.11
N GLU D 12 30.25 -35.70 17.29
CA GLU D 12 29.97 -34.31 17.61
C GLU D 12 30.89 -33.45 16.77
N ILE D 13 32.18 -33.77 16.79
CA ILE D 13 33.17 -33.03 16.02
C ILE D 13 32.89 -33.12 14.52
N ASN D 14 32.14 -34.13 14.12
CA ASN D 14 31.81 -34.30 12.71
C ASN D 14 30.62 -33.44 12.40
N THR D 15 29.57 -33.60 13.20
CA THR D 15 28.36 -32.82 13.01
C THR D 15 28.75 -31.36 13.03
N LEU D 16 29.68 -31.03 13.89
CA LEU D 16 30.14 -29.65 13.99
C LEU D 16 30.74 -29.29 12.64
N LYS D 17 31.84 -29.94 12.28
CA LYS D 17 32.51 -29.68 11.00
C LYS D 17 31.46 -29.48 9.91
N SER D 18 30.42 -30.30 9.96
CA SER D 18 29.36 -30.24 8.98
C SER D 18 28.50 -28.97 9.11
N LYS D 19 28.17 -28.58 10.33
CA LYS D 19 27.37 -27.38 10.53
C LYS D 19 28.17 -26.14 10.18
N LEU D 20 29.43 -26.09 10.57
CA LEU D 20 30.25 -24.92 10.26
C LEU D 20 30.38 -24.70 8.77
N GLU D 21 30.53 -25.77 8.00
CA GLU D 21 30.66 -25.62 6.56
C GLU D 21 29.38 -24.98 6.03
N LEU D 22 28.25 -25.56 6.41
CA LEU D 22 26.96 -25.04 5.97
C LEU D 22 26.81 -23.58 6.38
N THR D 23 27.28 -23.25 7.59
CA THR D 23 27.18 -21.87 8.07
C THR D 23 28.04 -20.96 7.21
N ASN D 24 29.11 -21.50 6.64
CA ASN D 24 29.98 -20.69 5.79
C ASN D 24 29.40 -20.52 4.38
N LYS D 25 28.69 -21.53 3.90
CA LYS D 25 28.08 -21.46 2.59
C LYS D 25 26.99 -20.40 2.62
N LEU D 26 26.10 -20.51 3.59
CA LEU D 26 25.03 -19.54 3.73
C LEU D 26 25.58 -18.13 3.90
N HIS D 27 26.72 -18.02 4.57
CA HIS D 27 27.34 -16.72 4.79
C HIS D 27 27.78 -16.10 3.46
N ALA D 28 28.51 -16.85 2.65
CA ALA D 28 28.99 -16.34 1.36
C ALA D 28 27.82 -15.95 0.47
N PHE D 29 26.75 -16.74 0.56
CA PHE D 29 25.56 -16.48 -0.23
C PHE D 29 25.05 -15.09 0.14
N SER D 30 24.97 -14.84 1.44
CA SER D 30 24.50 -13.57 1.96
C SER D 30 25.49 -12.44 1.69
N MET D 31 26.77 -12.80 1.54
CA MET D 31 27.81 -11.80 1.28
C MET D 31 27.84 -11.42 -0.19
N GLY D 32 26.97 -12.06 -0.98
CA GLY D 32 26.90 -11.77 -2.41
C GLY D 32 27.58 -12.75 -3.36
N LYS D 33 28.38 -13.67 -2.83
CA LYS D 33 29.05 -14.66 -3.68
C LYS D 33 28.12 -15.30 -4.71
N LYS D 34 28.53 -15.26 -5.98
CA LYS D 34 27.76 -15.86 -7.04
C LYS D 34 28.31 -17.25 -7.36
N SER D 35 27.40 -18.18 -7.65
CA SER D 35 27.69 -19.59 -7.97
C SER D 35 28.99 -19.94 -8.68
N GLY D 36 29.87 -20.63 -7.96
CA GLY D 36 31.14 -21.05 -8.52
C GLY D 36 32.02 -19.89 -8.95
N LYS D 37 31.76 -18.71 -8.40
CA LYS D 37 32.57 -17.55 -8.76
C LYS D 37 33.18 -16.89 -7.54
N LYS D 38 34.43 -16.47 -7.66
CA LYS D 38 35.09 -15.82 -6.54
C LYS D 38 34.25 -14.62 -6.17
N PHE D 39 34.41 -14.12 -4.95
CA PHE D 39 33.62 -12.98 -4.52
C PHE D 39 34.41 -11.99 -3.68
N PHE D 40 33.96 -10.75 -3.71
CA PHE D 40 34.62 -9.67 -2.99
C PHE D 40 33.81 -9.20 -1.80
N VAL D 41 34.51 -8.75 -0.77
CA VAL D 41 33.86 -8.27 0.45
C VAL D 41 34.64 -7.08 1.00
N THR D 42 33.93 -6.18 1.69
CA THR D 42 34.55 -4.98 2.24
C THR D 42 33.81 -4.48 3.46
N ASN D 43 34.51 -3.74 4.30
CA ASN D 43 33.91 -3.16 5.48
C ASN D 43 33.79 -1.67 5.19
N HIS D 44 34.27 -1.27 4.01
CA HIS D 44 34.23 0.13 3.59
C HIS D 44 35.17 0.98 4.44
N GLU D 45 36.34 0.46 4.72
CA GLU D 45 37.30 1.19 5.54
C GLU D 45 38.48 1.67 4.69
N ARG D 46 38.54 2.96 4.48
CA ARG D 46 39.64 3.53 3.72
C ARG D 46 40.88 3.31 4.60
N MET D 47 42.01 2.99 3.99
CA MET D 47 43.25 2.76 4.73
C MET D 47 44.38 2.57 3.73
N PRO D 48 45.64 2.74 4.15
CA PRO D 48 46.75 2.55 3.22
C PRO D 48 46.65 1.14 2.67
N PHE D 49 47.43 0.87 1.62
CA PHE D 49 47.45 -0.45 0.99
C PHE D 49 47.96 -1.51 1.97
N SER D 50 49.09 -1.24 2.62
CA SER D 50 49.70 -2.17 3.57
C SER D 50 48.71 -2.78 4.53
N LYS D 51 47.83 -1.93 5.06
CA LYS D 51 46.81 -2.37 6.00
C LYS D 51 45.91 -3.38 5.29
N VAL D 52 45.34 -2.93 4.18
CA VAL D 52 44.44 -3.77 3.40
C VAL D 52 45.04 -5.14 3.13
N LYS D 53 46.37 -5.22 3.01
CA LYS D 53 46.99 -6.50 2.78
C LYS D 53 46.94 -7.37 4.02
N ALA D 54 47.45 -6.85 5.12
CA ALA D 54 47.45 -7.59 6.37
C ALA D 54 46.00 -7.91 6.73
N LEU D 55 45.11 -6.97 6.44
CA LEU D 55 43.70 -7.15 6.72
C LEU D 55 43.22 -8.41 6.02
N CYS D 56 43.17 -8.37 4.69
CA CYS D 56 42.71 -9.52 3.90
C CYS D 56 43.40 -10.81 4.27
N SER D 57 44.66 -10.73 4.65
CA SER D 57 45.39 -11.92 5.01
C SER D 57 44.85 -12.51 6.32
N GLU D 58 44.55 -11.65 7.29
CA GLU D 58 44.03 -12.14 8.55
C GLU D 58 42.72 -12.88 8.33
N LEU D 59 41.97 -12.47 7.31
CA LEU D 59 40.70 -13.11 6.99
C LEU D 59 40.96 -14.33 6.11
N ARG D 60 42.21 -14.54 5.75
CA ARG D 60 42.62 -15.66 4.89
C ARG D 60 42.15 -15.49 3.42
N GLY D 61 42.12 -14.25 2.97
CA GLY D 61 41.73 -13.93 1.60
C GLY D 61 42.79 -13.07 0.95
N THR D 62 42.42 -12.26 -0.04
CA THR D 62 43.40 -11.41 -0.71
C THR D 62 42.80 -10.12 -1.21
N VAL D 63 43.66 -9.16 -1.50
CA VAL D 63 43.17 -7.89 -2.03
C VAL D 63 42.55 -8.19 -3.40
N ALA D 64 41.37 -7.63 -3.62
CA ALA D 64 40.64 -7.80 -4.86
C ALA D 64 41.49 -7.60 -6.13
N ILE D 65 41.23 -8.47 -7.10
CA ILE D 65 41.91 -8.41 -8.37
C ILE D 65 40.97 -8.77 -9.50
N PRO D 66 40.65 -7.81 -10.35
CA PRO D 66 39.75 -8.08 -11.47
C PRO D 66 40.59 -8.79 -12.52
N ARG D 67 40.29 -10.04 -12.82
CA ARG D 67 41.04 -10.77 -13.83
C ARG D 67 40.32 -10.63 -15.15
N ASN D 68 39.29 -9.80 -15.16
CA ASN D 68 38.51 -9.53 -16.35
C ASN D 68 37.45 -8.48 -16.02
N ALA D 69 36.58 -8.21 -16.98
CA ALA D 69 35.55 -7.21 -16.79
C ALA D 69 34.44 -7.60 -15.80
N GLU D 70 33.88 -8.79 -15.93
CA GLU D 70 32.82 -9.19 -15.02
C GLU D 70 33.26 -8.98 -13.57
N GLU D 71 34.51 -9.32 -13.29
CA GLU D 71 35.07 -9.19 -11.96
C GLU D 71 35.30 -7.73 -11.59
N ASN D 72 35.91 -6.97 -12.49
CA ASN D 72 36.16 -5.55 -12.24
C ASN D 72 34.85 -4.87 -11.86
N LYS D 73 33.78 -5.27 -12.53
CA LYS D 73 32.45 -4.73 -12.32
C LYS D 73 31.94 -5.17 -10.95
N ALA D 74 32.23 -6.42 -10.59
CA ALA D 74 31.81 -6.99 -9.32
C ALA D 74 32.47 -6.26 -8.17
N ILE D 75 33.78 -6.04 -8.30
CA ILE D 75 34.52 -5.33 -7.29
C ILE D 75 33.92 -3.94 -7.20
N GLN D 76 33.43 -3.46 -8.33
CA GLN D 76 32.86 -2.12 -8.38
C GLN D 76 31.56 -1.93 -7.59
N GLU D 77 30.69 -2.92 -7.63
CA GLU D 77 29.41 -2.87 -6.94
C GLU D 77 29.59 -3.04 -5.44
N VAL D 78 30.65 -3.72 -5.04
CA VAL D 78 30.91 -3.95 -3.64
C VAL D 78 31.58 -2.74 -3.01
N ALA D 79 32.74 -2.39 -3.52
CA ALA D 79 33.49 -1.25 -3.00
C ALA D 79 32.64 -0.01 -2.90
N LYS D 80 31.83 0.23 -3.93
CA LYS D 80 30.97 1.41 -3.97
C LYS D 80 31.78 2.70 -3.98
N THR D 81 32.91 2.69 -3.27
CA THR D 81 33.81 3.84 -3.14
C THR D 81 35.26 3.46 -3.52
N SER D 82 36.06 4.46 -3.89
CA SER D 82 37.45 4.26 -4.29
C SER D 82 38.14 3.12 -3.51
N ALA D 83 38.47 2.02 -4.20
CA ALA D 83 39.10 0.87 -3.56
C ALA D 83 40.45 0.47 -4.18
N PHE D 84 41.34 -0.12 -3.37
CA PHE D 84 42.63 -0.58 -3.87
C PHE D 84 42.47 -1.92 -4.59
N LEU D 85 43.48 -2.35 -5.33
CA LEU D 85 43.42 -3.63 -6.04
C LEU D 85 44.76 -4.35 -5.83
N GLY D 86 44.75 -5.67 -5.87
CA GLY D 86 45.99 -6.41 -5.67
C GLY D 86 46.96 -6.22 -6.81
N ILE D 87 47.46 -4.98 -6.99
CA ILE D 87 48.35 -4.65 -8.08
C ILE D 87 49.26 -3.45 -7.73
N THR D 88 50.55 -3.55 -8.04
CA THR D 88 51.49 -2.44 -7.78
C THR D 88 52.78 -2.51 -8.62
N ASP D 89 53.35 -1.35 -8.93
CA ASP D 89 54.60 -1.30 -9.67
C ASP D 89 55.74 -0.97 -8.68
N GLU D 90 55.61 -1.52 -7.48
CA GLU D 90 56.56 -1.31 -6.38
C GLU D 90 57.99 -1.79 -6.64
N VAL D 91 58.11 -2.96 -7.26
CA VAL D 91 59.41 -3.56 -7.54
C VAL D 91 60.08 -2.97 -8.78
N THR D 92 59.28 -2.75 -9.81
CA THR D 92 59.81 -2.22 -11.07
C THR D 92 58.89 -1.14 -11.63
N GLU D 93 59.27 0.12 -11.42
CA GLU D 93 58.49 1.26 -11.91
C GLU D 93 57.94 1.02 -13.31
N GLY D 94 56.66 1.36 -13.50
CA GLY D 94 56.03 1.19 -14.79
C GLY D 94 55.74 -0.25 -15.17
N GLN D 95 56.01 -1.16 -14.24
CA GLN D 95 55.79 -2.59 -14.46
C GLN D 95 54.83 -3.15 -13.40
N PHE D 96 53.53 -2.97 -13.61
CA PHE D 96 52.56 -3.45 -12.63
C PHE D 96 52.43 -4.96 -12.52
N MET D 97 52.48 -5.44 -11.27
CA MET D 97 52.39 -6.86 -10.97
C MET D 97 51.27 -7.17 -9.97
N TYR D 98 50.83 -8.41 -9.94
CA TYR D 98 49.79 -8.81 -8.99
C TYR D 98 50.45 -9.18 -7.68
N VAL D 99 49.78 -8.91 -6.56
CA VAL D 99 50.32 -9.25 -5.26
C VAL D 99 50.47 -10.76 -5.16
N THR D 100 49.69 -11.48 -5.95
CA THR D 100 49.72 -12.93 -5.98
C THR D 100 50.77 -13.40 -6.99
N GLY D 101 51.53 -12.46 -7.52
CA GLY D 101 52.56 -12.80 -8.50
C GLY D 101 52.06 -12.75 -9.93
N GLY D 102 52.96 -12.44 -10.86
CA GLY D 102 52.61 -12.38 -12.27
C GLY D 102 52.60 -10.97 -12.84
N ARG D 103 52.32 -10.86 -14.13
CA ARG D 103 52.25 -9.56 -14.78
C ARG D 103 50.80 -9.33 -15.21
N LEU D 104 50.36 -8.08 -15.14
CA LEU D 104 48.99 -7.73 -15.50
C LEU D 104 48.53 -8.38 -16.80
N THR D 105 47.38 -9.04 -16.74
CA THR D 105 46.84 -9.71 -17.91
C THR D 105 45.49 -9.12 -18.26
N TYR D 106 45.04 -8.15 -17.48
CA TYR D 106 43.79 -7.46 -17.73
C TYR D 106 43.89 -6.13 -17.06
N SER D 107 43.53 -5.07 -17.78
CA SER D 107 43.58 -3.75 -17.18
C SER D 107 42.35 -3.01 -17.61
N ASN D 108 42.17 -1.82 -17.05
CA ASN D 108 41.04 -0.98 -17.39
C ASN D 108 41.35 0.40 -16.84
N TRP D 109 42.51 0.93 -17.22
CA TRP D 109 42.92 2.24 -16.75
C TRP D 109 42.08 3.36 -17.34
N LYS D 110 42.29 4.55 -16.81
CA LYS D 110 41.58 5.74 -17.26
C LYS D 110 42.53 6.47 -18.22
N LYS D 111 41.96 7.19 -19.18
CA LYS D 111 42.78 7.91 -20.13
C LYS D 111 43.98 8.59 -19.48
N ASP D 112 45.16 8.24 -19.95
CA ASP D 112 46.41 8.81 -19.45
C ASP D 112 46.85 8.30 -18.09
N GLU D 113 46.42 7.10 -17.76
CA GLU D 113 46.78 6.47 -16.51
C GLU D 113 47.31 5.09 -16.86
N PRO D 114 48.31 4.59 -16.12
CA PRO D 114 49.00 5.21 -14.98
C PRO D 114 49.84 6.43 -15.34
N ASN D 115 50.36 7.13 -14.33
CA ASN D 115 51.20 8.30 -14.57
C ASN D 115 52.28 8.54 -13.50
N ASP D 116 52.41 7.61 -12.55
CA ASP D 116 53.40 7.74 -11.49
C ASP D 116 53.55 9.20 -11.11
N HIS D 117 52.40 9.84 -10.84
CA HIS D 117 52.31 11.24 -10.48
C HIS D 117 53.20 11.72 -9.33
N GLY D 118 53.46 13.03 -9.31
CA GLY D 118 54.27 13.64 -8.28
C GLY D 118 55.57 12.89 -8.04
N SER D 119 55.86 12.65 -6.77
CA SER D 119 57.08 11.96 -6.39
C SER D 119 56.91 10.47 -6.65
N GLY D 120 55.74 10.07 -7.09
CA GLY D 120 55.52 8.67 -7.39
C GLY D 120 54.20 8.08 -6.95
N GLU D 121 53.69 7.17 -7.76
CA GLU D 121 52.44 6.48 -7.48
C GLU D 121 52.63 5.01 -7.88
N ASP D 122 52.74 4.11 -6.91
CA ASP D 122 52.92 2.69 -7.22
C ASP D 122 51.73 1.79 -6.87
N CYS D 123 50.61 2.37 -6.45
CA CYS D 123 49.45 1.55 -6.11
C CYS D 123 48.28 1.78 -7.06
N VAL D 124 47.39 0.79 -7.16
CA VAL D 124 46.26 0.87 -8.09
C VAL D 124 44.90 0.87 -7.40
N THR D 125 44.03 1.79 -7.82
CA THR D 125 42.70 1.89 -7.24
C THR D 125 41.60 2.06 -8.26
N ILE D 126 40.64 1.14 -8.26
CA ILE D 126 39.51 1.28 -9.17
C ILE D 126 38.83 2.56 -8.70
N VAL D 127 38.13 3.24 -9.60
CA VAL D 127 37.50 4.49 -9.25
C VAL D 127 36.15 4.60 -9.94
N ASP D 128 35.80 5.80 -10.41
CA ASP D 128 34.51 5.99 -11.07
C ASP D 128 34.43 5.15 -12.35
N ASN D 129 33.22 4.77 -12.73
CA ASN D 129 32.99 3.97 -13.94
C ASN D 129 33.70 2.63 -13.93
N GLY D 130 34.48 2.39 -12.89
CA GLY D 130 35.21 1.14 -12.80
C GLY D 130 36.60 1.29 -13.38
N LEU D 131 36.93 2.50 -13.84
CA LEU D 131 38.26 2.72 -14.41
C LEU D 131 39.33 2.64 -13.33
N TRP D 132 40.60 2.66 -13.74
CA TRP D 132 41.69 2.57 -12.78
C TRP D 132 42.55 3.81 -12.76
N ASN D 133 43.37 3.89 -11.73
CA ASN D 133 44.30 5.00 -11.55
C ASN D 133 45.35 4.62 -10.52
N ASP D 134 46.59 4.98 -10.79
CA ASP D 134 47.63 4.68 -9.83
C ASP D 134 47.58 5.83 -8.82
N ILE D 135 47.97 5.53 -7.58
CA ILE D 135 47.97 6.50 -6.49
C ILE D 135 48.93 6.00 -5.45
N SER D 136 49.57 6.91 -4.73
CA SER D 136 50.54 6.50 -3.71
C SER D 136 49.92 5.41 -2.86
N CYS D 137 50.74 4.51 -2.36
CA CYS D 137 50.22 3.44 -1.54
C CYS D 137 49.82 3.95 -0.18
N GLN D 138 50.40 5.09 0.22
CA GLN D 138 50.11 5.69 1.51
C GLN D 138 48.68 6.21 1.61
N ALA D 139 48.13 6.70 0.50
CA ALA D 139 46.77 7.21 0.51
C ALA D 139 45.86 6.15 1.08
N SER D 140 44.68 6.58 1.51
CA SER D 140 43.74 5.64 2.09
C SER D 140 42.52 5.46 1.20
N HIS D 141 42.26 4.20 0.86
CA HIS D 141 41.12 3.84 0.02
C HIS D 141 40.50 2.56 0.56
N THR D 142 39.26 2.32 0.19
CA THR D 142 38.50 1.16 0.63
C THR D 142 39.25 -0.15 0.50
N ALA D 143 39.18 -0.98 1.54
CA ALA D 143 39.84 -2.28 1.53
C ALA D 143 38.83 -3.33 1.08
N VAL D 144 39.15 -4.06 0.01
CA VAL D 144 38.26 -5.09 -0.53
C VAL D 144 39.03 -6.39 -0.69
N CYS D 145 38.44 -7.50 -0.27
CA CYS D 145 39.12 -8.79 -0.36
C CYS D 145 38.34 -9.76 -1.17
N GLU D 146 39.07 -10.66 -1.82
CA GLU D 146 38.43 -11.68 -2.62
C GLU D 146 38.73 -13.02 -1.97
N PHE D 147 37.81 -13.95 -2.17
CA PHE D 147 37.90 -15.30 -1.65
C PHE D 147 37.56 -16.22 -2.81
N PRO D 148 38.29 -17.33 -2.93
CA PRO D 148 38.11 -18.31 -3.99
C PRO D 148 36.67 -18.67 -4.30
N ALA D 149 36.44 -19.03 -5.56
CA ALA D 149 35.12 -19.43 -6.03
C ALA D 149 34.71 -20.74 -5.37
N ALA E 1 46.18 -38.39 32.59
CA ALA E 1 44.90 -37.80 33.09
C ALA E 1 43.81 -37.96 32.04
N ILE E 2 43.58 -39.20 31.60
CA ILE E 2 42.58 -39.49 30.59
C ILE E 2 41.21 -38.86 30.86
N GLU E 3 40.55 -39.28 31.93
CA GLU E 3 39.25 -38.72 32.25
C GLU E 3 39.38 -37.19 32.33
N VAL E 4 40.45 -36.72 32.96
CA VAL E 4 40.69 -35.30 33.10
C VAL E 4 40.70 -34.64 31.73
N LYS E 5 40.91 -35.42 30.68
CA LYS E 5 40.93 -34.86 29.34
C LYS E 5 39.55 -34.82 28.70
N LEU E 6 38.82 -35.93 28.73
CA LEU E 6 37.50 -35.94 28.14
C LEU E 6 36.63 -34.80 28.66
N ALA E 7 36.39 -34.76 29.97
CA ALA E 7 35.58 -33.71 30.58
C ALA E 7 35.93 -32.37 29.97
N ASN E 8 37.22 -32.12 29.83
CA ASN E 8 37.71 -30.87 29.25
C ASN E 8 37.32 -30.84 27.77
N MET E 9 37.60 -31.93 27.07
CA MET E 9 37.27 -32.03 25.66
C MET E 9 35.78 -31.74 25.50
N GLU E 10 34.95 -32.61 26.09
CA GLU E 10 33.50 -32.46 26.03
C GLU E 10 33.09 -31.02 26.28
N ALA E 11 33.84 -30.33 27.15
CA ALA E 11 33.54 -28.95 27.47
C ALA E 11 33.79 -28.07 26.25
N GLU E 12 34.99 -28.19 25.69
CA GLU E 12 35.37 -27.45 24.50
C GLU E 12 34.31 -27.62 23.41
N ILE E 13 33.88 -28.87 23.21
CA ILE E 13 32.88 -29.19 22.21
C ILE E 13 31.59 -28.42 22.46
N ASN E 14 31.16 -28.41 23.72
CA ASN E 14 29.94 -27.69 24.08
C ASN E 14 30.12 -26.21 23.81
N THR E 15 31.31 -25.71 24.09
CA THR E 15 31.60 -24.31 23.86
C THR E 15 31.43 -23.99 22.39
N LEU E 16 31.88 -24.91 21.54
CA LEU E 16 31.77 -24.73 20.10
C LEU E 16 30.34 -24.91 19.62
N LYS E 17 29.62 -25.88 20.15
CA LYS E 17 28.25 -26.04 19.71
C LYS E 17 27.52 -24.74 20.06
N SER E 18 28.03 -24.04 21.07
CA SER E 18 27.43 -22.79 21.50
C SER E 18 27.84 -21.63 20.64
N LYS E 19 29.14 -21.41 20.48
CA LYS E 19 29.62 -20.31 19.66
C LYS E 19 29.01 -20.38 18.25
N LEU E 20 28.91 -21.58 17.70
CA LEU E 20 28.34 -21.72 16.38
C LEU E 20 26.89 -21.25 16.40
N GLU E 21 26.09 -21.77 17.32
CA GLU E 21 24.71 -21.36 17.39
C GLU E 21 24.65 -19.84 17.51
N LEU E 22 25.59 -19.27 18.24
CA LEU E 22 25.64 -17.83 18.44
C LEU E 22 25.86 -17.16 17.08
N THR E 23 26.91 -17.59 16.38
CA THR E 23 27.23 -17.06 15.06
C THR E 23 25.97 -17.04 14.20
N ASN E 24 25.28 -18.15 14.13
CA ASN E 24 24.08 -18.20 13.33
C ASN E 24 23.06 -17.15 13.76
N LYS E 25 22.80 -17.03 15.05
CA LYS E 25 21.87 -16.02 15.55
C LYS E 25 22.29 -14.60 15.14
N LEU E 26 23.54 -14.26 15.40
CA LEU E 26 24.02 -12.94 15.05
C LEU E 26 23.87 -12.67 13.55
N HIS E 27 24.12 -13.70 12.75
CA HIS E 27 24.03 -13.59 11.30
C HIS E 27 22.60 -13.32 10.85
N ALA E 28 21.66 -14.16 11.25
CA ALA E 28 20.26 -13.95 10.87
C ALA E 28 19.78 -12.58 11.36
N PHE E 29 20.43 -12.07 12.39
CA PHE E 29 20.05 -10.79 12.96
C PHE E 29 20.47 -9.66 12.03
N SER E 30 21.72 -9.73 11.57
CA SER E 30 22.22 -8.71 10.67
C SER E 30 21.53 -8.89 9.32
N MET E 31 20.80 -9.97 9.16
CA MET E 31 20.11 -10.20 7.92
C MET E 31 18.63 -9.86 8.00
N GLY E 32 18.28 -8.99 8.94
CA GLY E 32 16.91 -8.56 9.11
C GLY E 32 15.91 -9.47 9.79
N LYS E 33 16.32 -10.65 10.23
CA LYS E 33 15.38 -11.57 10.89
C LYS E 33 14.67 -10.94 12.10
N LYS E 34 13.34 -10.85 12.01
CA LYS E 34 12.58 -10.30 13.12
C LYS E 34 12.30 -11.45 14.06
N SER E 35 12.24 -11.14 15.34
CA SER E 35 11.97 -12.16 16.36
C SER E 35 10.73 -12.97 16.05
N GLY E 36 10.88 -14.29 16.06
CA GLY E 36 9.78 -15.19 15.78
C GLY E 36 9.39 -15.28 14.32
N LYS E 37 10.00 -14.44 13.50
CA LYS E 37 9.69 -14.39 12.07
C LYS E 37 10.73 -15.11 11.19
N LYS E 38 10.27 -15.74 10.11
CA LYS E 38 11.23 -16.41 9.22
C LYS E 38 11.97 -15.34 8.42
N PHE E 39 13.30 -15.42 8.39
CA PHE E 39 14.06 -14.42 7.66
C PHE E 39 14.44 -14.80 6.22
N PHE E 40 14.69 -13.78 5.41
CA PHE E 40 14.99 -13.98 3.99
C PHE E 40 16.38 -13.50 3.56
N VAL E 41 17.08 -14.33 2.78
CA VAL E 41 18.42 -13.99 2.32
C VAL E 41 18.54 -14.11 0.81
N THR E 42 19.59 -13.51 0.26
CA THR E 42 19.82 -13.56 -1.17
C THR E 42 21.23 -13.10 -1.52
N ASN E 43 21.74 -13.57 -2.65
CA ASN E 43 23.05 -13.17 -3.13
C ASN E 43 22.86 -12.25 -4.32
N HIS E 44 21.60 -12.06 -4.70
CA HIS E 44 21.17 -11.21 -5.83
C HIS E 44 21.32 -11.81 -7.20
N GLU E 45 21.72 -13.07 -7.25
CA GLU E 45 21.92 -13.74 -8.53
C GLU E 45 20.61 -13.97 -9.28
N ARG E 46 20.66 -13.84 -10.60
CA ARG E 46 19.48 -14.07 -11.41
C ARG E 46 19.64 -15.51 -11.89
N MET E 47 18.55 -16.27 -11.86
CA MET E 47 18.59 -17.65 -12.30
C MET E 47 17.20 -18.24 -12.48
N PRO E 48 17.11 -19.39 -13.15
CA PRO E 48 15.79 -19.99 -13.36
C PRO E 48 15.28 -20.62 -12.07
N PHE E 49 13.98 -20.86 -12.00
CA PHE E 49 13.38 -21.45 -10.82
C PHE E 49 14.13 -22.68 -10.33
N SER E 50 14.22 -23.71 -11.18
CA SER E 50 14.92 -24.93 -10.82
C SER E 50 16.30 -24.66 -10.21
N LYS E 51 17.05 -23.74 -10.79
CA LYS E 51 18.36 -23.39 -10.26
C LYS E 51 18.24 -22.79 -8.86
N VAL E 52 17.14 -22.11 -8.60
CA VAL E 52 16.93 -21.51 -7.29
C VAL E 52 16.51 -22.59 -6.28
N LYS E 53 15.47 -23.36 -6.62
CA LYS E 53 15.00 -24.42 -5.73
C LYS E 53 16.20 -25.23 -5.25
N ALA E 54 17.14 -25.42 -6.15
CA ALA E 54 18.34 -26.18 -5.84
C ALA E 54 19.26 -25.38 -4.92
N LEU E 55 19.59 -24.16 -5.32
CA LEU E 55 20.46 -23.31 -4.50
C LEU E 55 19.94 -23.17 -3.09
N CYS E 56 18.63 -22.99 -2.95
CA CYS E 56 18.03 -22.84 -1.63
C CYS E 56 18.04 -24.13 -0.84
N SER E 57 17.91 -25.25 -1.55
CA SER E 57 17.93 -26.55 -0.90
C SER E 57 19.33 -26.87 -0.36
N GLU E 58 20.36 -26.45 -1.08
CA GLU E 58 21.72 -26.71 -0.65
C GLU E 58 22.03 -25.99 0.65
N LEU E 59 21.25 -24.95 0.91
CA LEU E 59 21.42 -24.15 2.11
C LEU E 59 20.47 -24.59 3.21
N ARG E 60 19.75 -25.67 2.94
CA ARG E 60 18.79 -26.23 3.88
C ARG E 60 17.62 -25.28 4.03
N GLY E 61 17.52 -24.37 3.06
CA GLY E 61 16.43 -23.40 3.07
C GLY E 61 15.40 -23.77 2.02
N THR E 62 14.56 -22.80 1.69
CA THR E 62 13.51 -22.99 0.68
C THR E 62 13.40 -21.71 -0.12
N VAL E 63 12.61 -21.74 -1.17
CA VAL E 63 12.39 -20.55 -1.97
C VAL E 63 11.47 -19.70 -1.08
N ALA E 64 11.84 -18.43 -0.89
CA ALA E 64 11.04 -17.54 -0.06
C ALA E 64 9.56 -17.64 -0.38
N ILE E 65 8.75 -17.75 0.66
CA ILE E 65 7.32 -17.84 0.51
C ILE E 65 6.63 -16.79 1.35
N PRO E 66 5.98 -15.81 0.72
CA PRO E 66 5.31 -14.81 1.55
C PRO E 66 3.87 -15.26 1.74
N ARG E 67 3.42 -15.37 2.98
CA ARG E 67 2.05 -15.80 3.21
C ARG E 67 1.11 -14.68 3.62
N ASN E 68 1.68 -13.53 3.93
CA ASN E 68 0.89 -12.38 4.35
C ASN E 68 1.56 -11.12 3.86
N ALA E 69 0.93 -9.99 4.13
CA ALA E 69 1.47 -8.70 3.71
C ALA E 69 2.86 -8.46 4.29
N GLU E 70 3.08 -8.89 5.53
CA GLU E 70 4.37 -8.72 6.21
C GLU E 70 5.47 -9.47 5.48
N GLU E 71 5.35 -10.79 5.47
CA GLU E 71 6.33 -11.63 4.82
C GLU E 71 6.58 -11.17 3.38
N ASN E 72 5.57 -10.59 2.73
CA ASN E 72 5.77 -10.11 1.37
C ASN E 72 6.75 -8.94 1.32
N LYS E 73 6.46 -7.88 2.07
CA LYS E 73 7.35 -6.73 2.05
C LYS E 73 8.75 -7.07 2.52
N ALA E 74 8.87 -8.03 3.45
CA ALA E 74 10.18 -8.44 3.94
C ALA E 74 10.99 -8.87 2.73
N ILE E 75 10.50 -9.90 2.07
CA ILE E 75 11.10 -10.45 0.85
C ILE E 75 11.35 -9.29 -0.11
N GLN E 76 10.28 -8.60 -0.49
CA GLN E 76 10.37 -7.44 -1.39
C GLN E 76 11.54 -6.50 -1.09
N GLU E 77 11.85 -6.30 0.19
CA GLU E 77 12.94 -5.41 0.60
C GLU E 77 14.29 -6.06 0.56
N VAL E 78 14.29 -7.38 0.46
CA VAL E 78 15.52 -8.18 0.40
C VAL E 78 16.00 -8.29 -1.04
N ALA E 79 15.06 -8.52 -1.95
CA ALA E 79 15.34 -8.69 -3.37
C ALA E 79 15.76 -7.41 -4.07
N LYS E 80 15.04 -6.33 -3.81
CA LYS E 80 15.31 -5.03 -4.43
C LYS E 80 14.85 -5.12 -5.88
N THR E 81 15.29 -6.17 -6.58
CA THR E 81 14.92 -6.42 -7.97
C THR E 81 13.76 -7.40 -7.91
N SER E 82 13.47 -8.10 -9.01
CA SER E 82 12.36 -9.04 -8.98
C SER E 82 12.92 -10.41 -8.65
N ALA E 83 12.10 -11.23 -7.98
CA ALA E 83 12.56 -12.56 -7.57
C ALA E 83 11.45 -13.59 -7.52
N PHE E 84 11.81 -14.86 -7.72
CA PHE E 84 10.82 -15.94 -7.69
C PHE E 84 10.33 -16.18 -6.27
N LEU E 85 9.22 -16.88 -6.14
CA LEU E 85 8.65 -17.20 -4.84
C LEU E 85 8.39 -18.71 -4.89
N GLY E 86 8.46 -19.38 -3.74
CA GLY E 86 8.24 -20.82 -3.70
C GLY E 86 6.82 -21.19 -4.04
N ILE E 87 6.26 -20.52 -5.04
CA ILE E 87 4.88 -20.77 -5.47
C ILE E 87 4.79 -21.05 -6.97
N THR E 88 4.02 -22.07 -7.34
CA THR E 88 3.81 -22.41 -8.76
C THR E 88 2.48 -23.08 -8.96
N ASP E 89 2.04 -23.09 -10.21
CA ASP E 89 0.79 -23.73 -10.55
C ASP E 89 1.16 -24.75 -11.66
N GLU E 90 2.41 -25.19 -11.60
CA GLU E 90 2.96 -26.17 -12.54
C GLU E 90 2.03 -27.38 -12.75
N VAL E 91 1.76 -28.09 -11.66
CA VAL E 91 0.92 -29.27 -11.71
C VAL E 91 -0.46 -29.03 -12.28
N THR E 92 -1.17 -28.07 -11.71
CA THR E 92 -2.51 -27.78 -12.13
C THR E 92 -2.63 -26.29 -12.47
N GLU E 93 -2.72 -25.99 -13.76
CA GLU E 93 -2.77 -24.60 -14.20
C GLU E 93 -3.94 -23.87 -13.57
N GLY E 94 -3.65 -22.70 -13.01
CA GLY E 94 -4.68 -21.89 -12.39
C GLY E 94 -4.93 -22.22 -10.94
N GLN E 95 -4.07 -23.05 -10.36
CA GLN E 95 -4.21 -23.45 -8.97
C GLN E 95 -2.82 -23.51 -8.35
N PHE E 96 -2.30 -22.34 -8.02
CA PHE E 96 -0.98 -22.21 -7.45
C PHE E 96 -0.81 -22.92 -6.10
N MET E 97 0.37 -23.50 -5.92
CA MET E 97 0.72 -24.27 -4.74
C MET E 97 2.06 -23.87 -4.16
N TYR E 98 2.24 -24.09 -2.87
CA TYR E 98 3.50 -23.75 -2.27
C TYR E 98 4.43 -24.93 -2.54
N VAL E 99 5.70 -24.66 -2.83
CA VAL E 99 6.62 -25.77 -3.09
C VAL E 99 6.69 -26.66 -1.84
N THR E 100 6.21 -26.14 -0.72
CA THR E 100 6.20 -26.86 0.53
C THR E 100 4.88 -27.62 0.69
N GLY E 101 4.00 -27.46 -0.29
CA GLY E 101 2.71 -28.12 -0.24
C GLY E 101 1.57 -27.18 0.08
N GLY E 102 0.36 -27.57 -0.33
CA GLY E 102 -0.82 -26.79 -0.04
C GLY E 102 -1.21 -25.63 -0.95
N ARG E 103 -2.51 -25.47 -1.17
CA ARG E 103 -3.01 -24.38 -1.99
C ARG E 103 -2.68 -23.09 -1.28
N LEU E 104 -2.43 -22.06 -2.07
CA LEU E 104 -2.11 -20.74 -1.56
C LEU E 104 -3.23 -20.27 -0.66
N THR E 105 -2.89 -19.51 0.38
CA THR E 105 -3.92 -18.97 1.27
C THR E 105 -3.80 -17.46 1.30
N TYR E 106 -3.10 -16.92 0.31
CA TYR E 106 -2.89 -15.49 0.18
C TYR E 106 -2.15 -15.10 -1.11
N SER E 107 -2.59 -14.03 -1.76
CA SER E 107 -1.93 -13.56 -3.00
C SER E 107 -1.72 -12.05 -2.97
N ASN E 108 -1.06 -11.53 -4.00
CA ASN E 108 -0.82 -10.09 -4.08
C ASN E 108 -0.45 -9.72 -5.50
N TRP E 109 -1.17 -10.38 -6.40
CA TRP E 109 -1.03 -10.23 -7.85
C TRP E 109 -1.14 -8.78 -8.32
N LYS E 110 -0.55 -8.51 -9.48
CA LYS E 110 -0.60 -7.20 -10.15
C LYS E 110 -2.03 -7.23 -10.67
N LYS E 111 -2.53 -6.15 -11.27
CA LYS E 111 -3.89 -6.25 -11.78
C LYS E 111 -3.85 -7.08 -13.05
N ASP E 112 -4.89 -7.86 -13.30
CA ASP E 112 -4.94 -8.70 -14.49
C ASP E 112 -3.96 -9.86 -14.43
N GLU E 113 -3.53 -10.16 -13.22
CA GLU E 113 -2.63 -11.26 -12.99
C GLU E 113 -3.31 -12.27 -12.05
N PRO E 114 -2.92 -13.53 -12.14
CA PRO E 114 -1.91 -14.05 -13.07
C PRO E 114 -2.58 -14.22 -14.44
N ASN E 115 -1.81 -14.18 -15.52
CA ASN E 115 -2.40 -14.28 -16.85
C ASN E 115 -1.94 -15.49 -17.66
N ASP E 116 -0.84 -16.10 -17.25
CA ASP E 116 -0.29 -17.27 -17.95
C ASP E 116 0.02 -16.87 -19.39
N HIS E 117 0.55 -15.65 -19.54
CA HIS E 117 0.89 -15.11 -20.85
C HIS E 117 1.61 -16.08 -21.81
N GLY E 118 1.23 -15.98 -23.09
CA GLY E 118 1.83 -16.79 -24.14
C GLY E 118 2.05 -18.27 -23.91
N SER E 119 3.26 -18.72 -24.22
CA SER E 119 3.68 -20.11 -24.10
C SER E 119 3.21 -20.71 -22.77
N GLY E 120 3.27 -19.90 -21.72
CA GLY E 120 2.84 -20.34 -20.41
C GLY E 120 3.67 -19.71 -19.31
N GLU E 121 3.04 -19.53 -18.16
CA GLU E 121 3.69 -18.96 -16.99
C GLU E 121 3.20 -19.68 -15.76
N ASP E 122 3.99 -20.67 -15.33
CA ASP E 122 3.66 -21.49 -14.17
C ASP E 122 4.42 -21.13 -12.89
N CYS E 123 5.22 -20.07 -12.96
CA CYS E 123 5.98 -19.61 -11.81
C CYS E 123 5.53 -18.21 -11.36
N VAL E 124 5.99 -17.78 -10.20
CA VAL E 124 5.58 -16.48 -9.71
C VAL E 124 6.75 -15.60 -9.28
N THR E 125 6.67 -14.32 -9.61
CA THR E 125 7.72 -13.40 -9.22
C THR E 125 7.18 -12.19 -8.48
N ILE E 126 7.85 -11.81 -7.39
CA ILE E 126 7.43 -10.65 -6.66
C ILE E 126 8.18 -9.56 -7.38
N VAL E 127 7.43 -8.63 -7.96
CA VAL E 127 8.05 -7.55 -8.70
C VAL E 127 8.10 -6.21 -7.97
N ASP E 128 7.44 -5.21 -8.52
CA ASP E 128 7.44 -3.88 -7.91
C ASP E 128 6.24 -3.74 -7.00
N ASN E 129 6.47 -3.11 -5.86
CA ASN E 129 5.43 -2.90 -4.87
C ASN E 129 5.10 -4.24 -4.24
N GLY E 130 6.01 -5.18 -4.41
CA GLY E 130 5.80 -6.51 -3.89
C GLY E 130 4.66 -7.17 -4.63
N LEU E 131 4.28 -6.57 -5.75
CA LEU E 131 3.21 -7.10 -6.57
C LEU E 131 3.60 -8.43 -7.24
N TRP E 132 2.62 -9.29 -7.46
CA TRP E 132 2.90 -10.59 -8.03
C TRP E 132 2.63 -10.72 -9.52
N ASN E 133 3.48 -11.52 -10.17
CA ASN E 133 3.33 -11.79 -11.58
C ASN E 133 3.76 -13.18 -12.00
N ASP E 134 2.86 -13.93 -12.60
CA ASP E 134 3.25 -15.26 -13.06
C ASP E 134 4.15 -15.07 -14.28
N ILE E 135 5.32 -15.70 -14.22
CA ILE E 135 6.28 -15.62 -15.30
C ILE E 135 6.63 -17.05 -15.69
N SER E 136 7.58 -17.21 -16.61
CA SER E 136 8.00 -18.54 -17.04
C SER E 136 9.03 -19.08 -16.08
N CYS E 137 8.86 -20.35 -15.69
CA CYS E 137 9.79 -20.98 -14.77
C CYS E 137 11.21 -21.09 -15.32
N GLN E 138 11.39 -20.72 -16.58
CA GLN E 138 12.71 -20.78 -17.19
C GLN E 138 13.35 -19.42 -17.27
N ALA E 139 12.57 -18.38 -17.00
CA ALA E 139 13.11 -17.03 -17.01
C ALA E 139 14.04 -16.91 -15.81
N SER E 140 15.01 -16.01 -15.88
CA SER E 140 15.94 -15.85 -14.77
C SER E 140 15.60 -14.69 -13.86
N HIS E 141 15.42 -15.01 -12.59
CA HIS E 141 15.09 -13.98 -11.62
C HIS E 141 15.91 -14.17 -10.36
N THR E 142 15.87 -13.17 -9.47
CA THR E 142 16.66 -13.23 -8.26
C THR E 142 16.27 -14.36 -7.29
N ALA E 143 17.29 -15.06 -6.81
CA ALA E 143 17.11 -16.18 -5.90
C ALA E 143 17.03 -15.63 -4.50
N VAL E 144 16.02 -16.08 -3.75
CA VAL E 144 15.84 -15.61 -2.39
C VAL E 144 15.39 -16.77 -1.52
N CYS E 145 16.27 -17.24 -0.67
CA CYS E 145 15.93 -18.35 0.21
C CYS E 145 15.36 -17.87 1.55
N GLU E 146 14.53 -18.71 2.14
CA GLU E 146 13.96 -18.43 3.44
C GLU E 146 14.40 -19.51 4.42
N PHE E 147 14.65 -19.10 5.65
CA PHE E 147 15.05 -20.04 6.68
C PHE E 147 14.10 -19.87 7.84
N PRO E 148 13.74 -20.98 8.50
CA PRO E 148 12.84 -21.09 9.64
C PRO E 148 12.86 -19.98 10.68
N ALA E 149 11.68 -19.58 11.11
CA ALA E 149 11.53 -18.54 12.13
C ALA E 149 12.18 -19.04 13.42
N ALA F 1 44.15 -45.38 19.04
CA ALA F 1 44.62 -46.06 20.28
C ALA F 1 44.33 -45.20 21.52
N ILE F 2 43.07 -44.85 21.71
CA ILE F 2 42.61 -44.04 22.84
C ILE F 2 43.47 -42.81 23.14
N GLU F 3 44.62 -43.01 23.77
CA GLU F 3 45.50 -41.90 24.09
C GLU F 3 45.91 -41.18 22.80
N VAL F 4 45.60 -41.81 21.66
CA VAL F 4 45.91 -41.24 20.35
C VAL F 4 44.66 -40.54 19.84
N LYS F 5 43.58 -41.31 19.67
CA LYS F 5 42.32 -40.75 19.20
C LYS F 5 42.09 -39.44 19.93
N LEU F 6 42.29 -39.49 21.25
CA LEU F 6 42.11 -38.33 22.11
C LEU F 6 42.93 -37.14 21.63
N ALA F 7 44.23 -37.35 21.46
CA ALA F 7 45.11 -36.27 21.01
C ALA F 7 44.70 -35.76 19.63
N ASN F 8 44.21 -36.64 18.77
CA ASN F 8 43.79 -36.24 17.44
C ASN F 8 42.53 -35.39 17.53
N MET F 9 41.53 -35.86 18.27
CA MET F 9 40.32 -35.10 18.44
C MET F 9 40.66 -33.77 19.10
N GLU F 10 41.86 -33.67 19.64
CA GLU F 10 42.29 -32.43 20.28
C GLU F 10 42.67 -31.44 19.20
N ALA F 11 43.07 -31.95 18.04
CA ALA F 11 43.44 -31.10 16.92
C ALA F 11 42.19 -30.72 16.16
N GLU F 12 41.35 -31.71 15.87
CA GLU F 12 40.10 -31.46 15.17
C GLU F 12 39.36 -30.30 15.82
N ILE F 13 39.42 -30.24 17.15
CA ILE F 13 38.76 -29.19 17.91
C ILE F 13 39.43 -27.84 17.72
N ASN F 14 40.75 -27.80 17.77
CA ASN F 14 41.47 -26.55 17.57
C ASN F 14 41.20 -26.03 16.15
N THR F 15 41.16 -26.95 15.19
CA THR F 15 40.90 -26.57 13.81
C THR F 15 39.52 -25.95 13.71
N LEU F 16 38.52 -26.55 14.35
CA LEU F 16 37.18 -25.99 14.31
C LEU F 16 37.26 -24.62 14.96
N LYS F 17 37.73 -24.58 16.19
CA LYS F 17 37.86 -23.32 16.90
C LYS F 17 38.48 -22.28 15.99
N SER F 18 39.60 -22.63 15.38
CA SER F 18 40.30 -21.71 14.48
C SER F 18 39.43 -21.28 13.31
N LYS F 19 38.70 -22.23 12.71
CA LYS F 19 37.84 -21.91 11.59
C LYS F 19 36.71 -20.98 12.01
N LEU F 20 35.98 -21.34 13.07
CA LEU F 20 34.88 -20.52 13.54
C LEU F 20 35.37 -19.11 13.87
N GLU F 21 36.60 -19.01 14.37
CA GLU F 21 37.18 -17.72 14.72
C GLU F 21 37.28 -16.92 13.44
N LEU F 22 37.79 -17.57 12.40
CA LEU F 22 37.95 -16.96 11.10
C LEU F 22 36.57 -16.51 10.61
N THR F 23 35.63 -17.45 10.61
CA THR F 23 34.27 -17.16 10.18
C THR F 23 33.77 -15.87 10.79
N ASN F 24 33.92 -15.75 12.10
CA ASN F 24 33.45 -14.56 12.77
C ASN F 24 34.19 -13.29 12.34
N LYS F 25 35.50 -13.35 12.14
CA LYS F 25 36.18 -12.15 11.72
C LYS F 25 35.71 -11.71 10.32
N LEU F 26 35.34 -12.68 9.49
CA LEU F 26 34.87 -12.35 8.15
C LEU F 26 33.43 -11.84 8.23
N HIS F 27 32.68 -12.33 9.22
CA HIS F 27 31.31 -11.90 9.41
C HIS F 27 31.28 -10.47 9.98
N ALA F 28 32.29 -10.13 10.77
CA ALA F 28 32.38 -8.79 11.35
C ALA F 28 32.65 -7.78 10.22
N PHE F 29 33.73 -8.06 9.49
CA PHE F 29 34.18 -7.27 8.35
C PHE F 29 32.98 -7.04 7.44
N SER F 30 32.20 -8.10 7.28
CA SER F 30 31.03 -8.05 6.44
C SER F 30 30.01 -7.05 6.97
N MET F 31 29.82 -7.03 8.28
CA MET F 31 28.86 -6.12 8.89
C MET F 31 29.40 -4.70 9.03
N GLY F 32 30.57 -4.46 8.45
CA GLY F 32 31.14 -3.13 8.50
C GLY F 32 32.08 -2.80 9.64
N LYS F 33 32.36 -3.77 10.50
CA LYS F 33 33.24 -3.49 11.62
C LYS F 33 34.57 -2.89 11.14
N LYS F 34 34.83 -1.66 11.53
CA LYS F 34 36.07 -1.02 11.15
C LYS F 34 37.21 -1.64 11.97
N SER F 35 38.30 -1.99 11.29
CA SER F 35 39.46 -2.60 11.94
C SER F 35 39.77 -1.96 13.31
N GLY F 36 39.81 -2.81 14.34
CA GLY F 36 40.09 -2.36 15.69
C GLY F 36 39.01 -1.47 16.30
N LYS F 37 37.74 -1.74 16.01
CA LYS F 37 36.69 -0.87 16.52
C LYS F 37 35.36 -1.51 16.83
N LYS F 38 34.62 -0.92 17.77
CA LYS F 38 33.32 -1.45 18.12
C LYS F 38 32.38 -1.10 16.98
N PHE F 39 31.50 -2.03 16.64
CA PHE F 39 30.57 -1.85 15.56
C PHE F 39 29.16 -2.24 15.99
N PHE F 40 28.17 -1.56 15.42
CA PHE F 40 26.77 -1.80 15.76
C PHE F 40 26.10 -2.64 14.67
N VAL F 41 24.90 -3.16 14.97
CA VAL F 41 24.12 -3.96 14.01
C VAL F 41 22.66 -3.93 14.45
N THR F 42 21.74 -4.12 13.50
CA THR F 42 20.30 -4.09 13.81
C THR F 42 19.50 -4.98 12.87
N ASN F 43 18.33 -5.40 13.32
CA ASN F 43 17.46 -6.22 12.51
C ASN F 43 16.24 -5.35 12.18
N HIS F 44 16.33 -4.08 12.57
CA HIS F 44 15.29 -3.08 12.34
C HIS F 44 13.98 -3.37 13.05
N GLU F 45 14.01 -4.32 13.97
CA GLU F 45 12.80 -4.65 14.72
C GLU F 45 12.60 -3.64 15.85
N ARG F 46 11.34 -3.30 16.13
CA ARG F 46 11.01 -2.36 17.20
C ARG F 46 10.51 -3.18 18.39
N MET F 47 10.84 -2.74 19.60
CA MET F 47 10.43 -3.47 20.80
C MET F 47 10.75 -2.68 22.06
N PRO F 48 10.21 -3.12 23.21
CA PRO F 48 10.47 -2.43 24.48
C PRO F 48 11.95 -2.57 24.86
N PHE F 49 12.49 -1.56 25.52
CA PHE F 49 13.89 -1.57 25.95
C PHE F 49 14.20 -2.87 26.70
N SER F 50 13.18 -3.50 27.26
CA SER F 50 13.38 -4.73 28.00
C SER F 50 13.79 -5.85 27.05
N LYS F 51 13.13 -5.92 25.90
CA LYS F 51 13.45 -6.97 24.93
C LYS F 51 14.73 -6.68 24.14
N VAL F 52 15.02 -5.41 23.88
CA VAL F 52 16.23 -5.08 23.15
C VAL F 52 17.38 -5.54 24.03
N LYS F 53 17.34 -5.15 25.28
CA LYS F 53 18.34 -5.50 26.28
C LYS F 53 18.55 -7.00 26.25
N ALA F 54 17.44 -7.75 26.25
CA ALA F 54 17.53 -9.20 26.20
C ALA F 54 18.32 -9.59 24.97
N LEU F 55 17.66 -9.46 23.82
CA LEU F 55 18.22 -9.79 22.52
C LEU F 55 19.71 -9.54 22.35
N CYS F 56 20.21 -8.39 22.81
CA CYS F 56 21.63 -8.14 22.65
C CYS F 56 22.46 -8.98 23.63
N SER F 57 21.95 -9.23 24.82
CA SER F 57 22.73 -10.04 25.76
C SER F 57 22.87 -11.44 25.18
N GLU F 58 21.83 -11.88 24.48
CA GLU F 58 21.81 -13.19 23.87
C GLU F 58 22.82 -13.32 22.72
N LEU F 59 23.05 -12.22 22.01
CA LEU F 59 24.00 -12.24 20.90
C LEU F 59 25.36 -11.89 21.46
N ARG F 60 25.52 -12.12 22.75
CA ARG F 60 26.76 -11.83 23.47
C ARG F 60 27.17 -10.38 23.21
N GLY F 61 26.17 -9.48 23.25
CA GLY F 61 26.43 -8.07 23.02
C GLY F 61 25.64 -7.13 23.94
N THR F 62 25.93 -5.84 23.83
CA THR F 62 25.29 -4.83 24.64
C THR F 62 24.44 -3.85 23.82
N VAL F 63 23.40 -3.31 24.46
CA VAL F 63 22.55 -2.33 23.78
C VAL F 63 23.46 -1.16 23.40
N ALA F 64 23.43 -0.80 22.12
CA ALA F 64 24.25 0.29 21.54
C ALA F 64 24.47 1.52 22.41
N ILE F 65 25.73 1.95 22.51
CA ILE F 65 26.08 3.11 23.31
C ILE F 65 27.10 4.05 22.69
N PRO F 66 26.68 5.24 22.23
CA PRO F 66 27.58 6.22 21.62
C PRO F 66 28.47 6.93 22.62
N ARG F 67 29.78 6.68 22.54
CA ARG F 67 30.71 7.32 23.47
C ARG F 67 31.49 8.48 22.87
N ASN F 68 30.94 9.06 21.81
CA ASN F 68 31.58 10.18 21.15
C ASN F 68 30.72 10.51 19.95
N ALA F 69 31.07 11.55 19.22
CA ALA F 69 30.29 11.96 18.05
C ALA F 69 30.26 10.90 16.95
N GLU F 70 31.44 10.39 16.59
CA GLU F 70 31.55 9.38 15.55
C GLU F 70 30.57 8.24 15.74
N GLU F 71 30.45 7.76 16.98
CA GLU F 71 29.56 6.64 17.27
C GLU F 71 28.09 7.02 17.23
N ASN F 72 27.77 8.26 17.57
CA ASN F 72 26.39 8.70 17.55
C ASN F 72 25.96 8.79 16.08
N LYS F 73 26.91 9.22 15.23
CA LYS F 73 26.65 9.31 13.80
C LYS F 73 26.36 7.92 13.23
N ALA F 74 27.23 6.97 13.56
CA ALA F 74 27.13 5.58 13.11
C ALA F 74 25.84 4.89 13.54
N ILE F 75 25.37 5.20 14.74
CA ILE F 75 24.14 4.58 15.19
C ILE F 75 22.99 5.21 14.42
N GLN F 76 23.09 6.50 14.17
CA GLN F 76 22.06 7.21 13.43
C GLN F 76 21.89 6.54 12.07
N GLU F 77 23.00 6.41 11.37
CA GLU F 77 23.03 5.82 10.04
C GLU F 77 22.56 4.36 9.95
N VAL F 78 22.81 3.58 11.00
CA VAL F 78 22.42 2.18 11.00
C VAL F 78 20.95 1.94 11.31
N ALA F 79 20.45 2.67 12.31
CA ALA F 79 19.07 2.54 12.74
C ALA F 79 18.10 3.03 11.68
N LYS F 80 18.43 4.17 11.09
CA LYS F 80 17.61 4.80 10.06
C LYS F 80 16.34 5.35 10.72
N THR F 81 16.12 4.99 11.97
CA THR F 81 14.93 5.43 12.72
C THR F 81 15.24 5.62 14.21
N SER F 82 14.20 5.75 15.02
CA SER F 82 14.39 5.94 16.45
C SER F 82 14.83 4.62 17.08
N ALA F 83 15.85 4.69 17.92
CA ALA F 83 16.36 3.49 18.57
C ALA F 83 16.80 3.74 20.01
N PHE F 84 16.59 2.73 20.86
CA PHE F 84 16.98 2.79 22.27
C PHE F 84 18.49 2.76 22.39
N LEU F 85 19.02 3.49 23.36
CA LEU F 85 20.47 3.51 23.60
C LEU F 85 20.74 2.77 24.90
N GLY F 86 21.99 2.36 25.09
CA GLY F 86 22.34 1.63 26.30
C GLY F 86 22.45 2.60 27.47
N ILE F 87 21.39 3.38 27.68
CA ILE F 87 21.37 4.37 28.74
C ILE F 87 20.01 4.52 29.37
N THR F 88 19.99 4.62 30.70
CA THR F 88 18.76 4.83 31.44
C THR F 88 19.12 5.58 32.71
N ASP F 89 18.08 5.96 33.47
CA ASP F 89 18.24 6.65 34.73
C ASP F 89 17.18 6.05 35.66
N GLU F 90 16.84 4.79 35.36
CA GLU F 90 15.85 4.03 36.13
C GLU F 90 16.33 3.96 37.58
N VAL F 91 17.64 3.89 37.74
CA VAL F 91 18.24 3.82 39.06
C VAL F 91 18.01 5.12 39.85
N THR F 92 18.48 6.24 39.30
CA THR F 92 18.33 7.53 39.98
C THR F 92 17.87 8.61 39.01
N GLU F 93 16.57 8.92 39.06
CA GLU F 93 15.95 9.92 38.19
C GLU F 93 16.88 11.11 37.89
N GLY F 94 17.01 11.45 36.61
CA GLY F 94 17.85 12.56 36.23
C GLY F 94 19.33 12.22 36.24
N GLN F 95 19.66 10.98 36.58
CA GLN F 95 21.06 10.55 36.63
C GLN F 95 21.28 9.36 35.68
N PHE F 96 21.52 9.67 34.40
CA PHE F 96 21.69 8.64 33.38
C PHE F 96 22.97 7.80 33.43
N MET F 97 22.73 6.50 33.51
CA MET F 97 23.78 5.50 33.61
C MET F 97 23.83 4.51 32.44
N TYR F 98 25.04 4.19 31.99
CA TYR F 98 25.22 3.22 30.92
C TYR F 98 24.77 1.88 31.48
N VAL F 99 24.01 1.11 30.70
CA VAL F 99 23.59 -0.19 31.17
C VAL F 99 24.82 -0.94 31.66
N THR F 100 26.00 -0.57 31.14
CA THR F 100 27.25 -1.20 31.51
C THR F 100 27.88 -0.55 32.74
N GLY F 101 27.16 0.38 33.35
CA GLY F 101 27.70 1.05 34.52
C GLY F 101 28.48 2.27 34.11
N GLY F 102 28.52 3.25 35.01
CA GLY F 102 29.22 4.50 34.74
C GLY F 102 28.18 5.55 34.39
N ARG F 103 28.60 6.79 34.30
CA ARG F 103 27.69 7.88 33.95
C ARG F 103 28.01 8.37 32.55
N LEU F 104 27.03 9.02 31.92
CA LEU F 104 27.21 9.56 30.58
C LEU F 104 28.44 10.45 30.49
N THR F 105 29.40 10.03 29.69
CA THR F 105 30.62 10.81 29.52
C THR F 105 30.38 11.70 28.32
N TYR F 106 29.62 11.18 27.36
CA TYR F 106 29.28 11.91 26.14
C TYR F 106 27.78 11.85 25.95
N SER F 107 27.22 12.92 25.41
CA SER F 107 25.79 12.98 25.17
C SER F 107 25.48 13.93 24.02
N ASN F 108 24.21 13.95 23.63
CA ASN F 108 23.78 14.81 22.55
C ASN F 108 22.28 14.97 22.64
N TRP F 109 21.83 15.51 23.77
CA TRP F 109 20.41 15.73 24.00
C TRP F 109 19.82 16.79 23.10
N LYS F 110 18.49 16.78 23.03
CA LYS F 110 17.74 17.73 22.25
C LYS F 110 17.39 18.82 23.25
N LYS F 111 16.93 19.96 22.77
CA LYS F 111 16.56 21.02 23.69
C LYS F 111 15.44 20.55 24.61
N ASP F 112 15.58 20.88 25.90
CA ASP F 112 14.61 20.50 26.92
C ASP F 112 14.56 19.00 27.19
N GLU F 113 15.68 18.34 26.94
CA GLU F 113 15.80 16.90 27.16
C GLU F 113 17.09 16.55 27.90
N PRO F 114 17.03 15.54 28.80
CA PRO F 114 15.85 14.74 29.12
C PRO F 114 14.82 15.54 29.92
N ASN F 115 13.75 14.90 30.38
CA ASN F 115 12.73 15.60 31.14
C ASN F 115 11.65 14.74 31.79
N ASP F 116 11.97 13.46 32.01
CA ASP F 116 11.04 12.51 32.63
C ASP F 116 9.56 12.87 32.41
N HIS F 117 9.29 13.45 31.25
CA HIS F 117 7.95 13.87 30.86
C HIS F 117 6.85 12.88 31.23
N GLY F 118 5.64 13.42 31.39
CA GLY F 118 4.47 12.63 31.72
C GLY F 118 4.68 11.68 32.88
N SER F 119 4.17 10.47 32.72
CA SER F 119 4.28 9.43 33.73
C SER F 119 5.73 9.07 34.07
N GLY F 120 6.68 9.71 33.37
CA GLY F 120 8.09 9.43 33.61
C GLY F 120 8.77 8.78 32.42
N GLU F 121 9.98 9.26 32.14
CA GLU F 121 10.77 8.76 31.03
C GLU F 121 12.17 8.38 31.52
N ASP F 122 12.44 7.08 31.55
CA ASP F 122 13.73 6.58 32.03
C ASP F 122 14.72 6.01 31.00
N CYS F 123 14.30 5.87 29.75
CA CYS F 123 15.20 5.38 28.70
C CYS F 123 15.57 6.48 27.72
N VAL F 124 16.55 6.21 26.87
CA VAL F 124 16.98 7.21 25.90
C VAL F 124 16.88 6.65 24.48
N THR F 125 16.51 7.49 23.53
CA THR F 125 16.42 7.06 22.13
C THR F 125 17.03 8.13 21.25
N ILE F 126 17.84 7.69 20.29
CA ILE F 126 18.47 8.60 19.35
C ILE F 126 17.48 8.67 18.18
N VAL F 127 17.33 9.84 17.57
CA VAL F 127 16.38 10.02 16.47
C VAL F 127 17.02 10.47 15.15
N ASP F 128 16.22 10.51 14.08
CA ASP F 128 16.67 10.94 12.76
C ASP F 128 17.11 12.37 12.93
N ASN F 129 18.32 12.55 13.42
CA ASN F 129 18.80 13.89 13.68
C ASN F 129 20.14 13.61 14.34
N GLY F 130 20.10 12.61 15.22
CA GLY F 130 21.28 12.22 15.97
C GLY F 130 21.11 12.65 17.42
N LEU F 131 20.18 13.58 17.64
CA LEU F 131 19.91 14.10 18.98
C LEU F 131 19.19 13.04 19.78
N TRP F 132 19.20 13.16 21.10
CA TRP F 132 18.49 12.17 21.94
C TRP F 132 17.30 12.77 22.64
N ASN F 133 16.41 11.89 23.08
CA ASN F 133 15.22 12.26 23.81
C ASN F 133 14.96 11.15 24.79
N ASP F 134 14.72 11.50 26.05
CA ASP F 134 14.42 10.49 27.03
C ASP F 134 12.99 10.05 26.77
N ILE F 135 12.66 8.78 27.00
CA ILE F 135 11.31 8.32 26.76
C ILE F 135 10.97 7.05 27.52
N SER F 136 9.69 6.71 27.55
CA SER F 136 9.25 5.53 28.27
C SER F 136 9.92 4.28 27.75
N CYS F 137 10.45 3.48 28.67
CA CYS F 137 11.11 2.25 28.31
C CYS F 137 10.07 1.21 27.91
N GLN F 138 8.81 1.62 27.88
CA GLN F 138 7.77 0.68 27.50
C GLN F 138 7.47 0.85 26.03
N ALA F 139 7.93 1.96 25.47
CA ALA F 139 7.74 2.29 24.05
C ALA F 139 8.64 1.43 23.18
N SER F 140 8.10 0.92 22.08
CA SER F 140 8.89 0.08 21.18
C SER F 140 9.66 0.88 20.15
N HIS F 141 10.98 0.71 20.13
CA HIS F 141 11.82 1.41 19.18
C HIS F 141 12.80 0.43 18.54
N THR F 142 13.51 0.89 17.51
CA THR F 142 14.47 0.06 16.80
C THR F 142 15.56 -0.55 17.69
N ALA F 143 15.66 -1.89 17.65
CA ALA F 143 16.68 -2.61 18.42
C ALA F 143 18.05 -2.43 17.76
N VAL F 144 19.08 -2.21 18.57
CA VAL F 144 20.41 -2.01 18.04
C VAL F 144 21.46 -2.42 19.04
N CYS F 145 22.23 -3.44 18.67
CA CYS F 145 23.29 -3.97 19.53
C CYS F 145 24.65 -3.43 19.15
N GLU F 146 25.66 -3.71 19.98
CA GLU F 146 27.02 -3.24 19.72
C GLU F 146 28.01 -4.32 20.15
N PHE F 147 29.18 -4.34 19.52
CA PHE F 147 30.18 -5.36 19.81
C PHE F 147 31.56 -4.72 19.96
N PRO F 148 32.32 -5.17 20.95
CA PRO F 148 33.66 -4.73 21.33
C PRO F 148 34.63 -4.50 20.20
N ALA F 149 35.50 -3.50 20.35
CA ALA F 149 36.49 -3.22 19.34
C ALA F 149 37.30 -4.51 19.14
C1 MAN G . -11.91 -7.12 14.39
C2 MAN G . -12.77 -8.23 15.05
C3 MAN G . -12.98 -7.90 16.52
C4 MAN G . -11.63 -7.71 17.20
C5 MAN G . -10.82 -6.65 16.48
C6 MAN G . -9.43 -6.48 17.07
O1 MAN G . -11.66 -7.45 13.07
O2 MAN G . -12.11 -9.47 14.93
O3 MAN G . -13.70 -8.97 17.16
O4 MAN G . -11.83 -7.32 18.55
O5 MAN G . -10.65 -7.00 15.08
O6 MAN G . -9.14 -5.07 17.19
C1 MAN G . -14.76 -8.56 17.96
C2 MAN G . -15.20 -9.70 18.87
C3 MAN G . -15.72 -10.85 18.00
C4 MAN G . -16.89 -10.34 17.15
C5 MAN G . -16.48 -9.10 16.34
C6 MAN G . -17.66 -8.42 15.66
O2 MAN G . -16.27 -9.24 19.71
O3 MAN G . -16.16 -11.90 18.83
O4 MAN G . -17.31 -11.37 16.26
O5 MAN G . -15.87 -8.10 17.20
O6 MAN G . -18.81 -9.27 15.63
C1 MAN G . -16.17 -9.54 21.06
C2 MAN G . -17.45 -10.23 21.52
C3 MAN G . -18.64 -9.29 21.32
C4 MAN G . -18.39 -7.93 21.98
C5 MAN G . -17.01 -7.36 21.60
C6 MAN G . -16.62 -6.13 22.38
O2 MAN G . -17.35 -10.58 22.88
O3 MAN G . -19.80 -9.86 21.87
O4 MAN G . -19.39 -7.02 21.54
O5 MAN G . -16.00 -8.36 21.83
O6 MAN G . -15.29 -5.74 22.06
C1 MAN G . -7.80 -4.69 17.04
C2 MAN G . -7.73 -3.32 16.38
C3 MAN G . -8.34 -3.41 14.99
C4 MAN G . -7.63 -4.48 14.15
C5 MAN G . -7.46 -5.82 14.90
C6 MAN G . -6.43 -6.69 14.22
O2 MAN G . -6.39 -2.88 16.30
O3 MAN G . -8.24 -2.13 14.34
O4 MAN G . -8.38 -4.72 12.97
O5 MAN G . -7.01 -5.61 16.26
O6 MAN G . -6.54 -8.06 14.71
C1 MAN G . -9.44 -1.40 14.22
C2 MAN G . -9.15 0.02 13.73
C3 MAN G . -8.38 0.79 14.82
C4 MAN G . -9.18 0.78 16.12
C5 MAN G . -9.50 -0.67 16.52
C6 MAN G . -10.40 -0.76 17.74
O2 MAN G . -10.36 0.70 13.44
O3 MAN G . -8.16 2.12 14.39
O4 MAN G . -8.42 1.40 17.15
O5 MAN G . -10.18 -1.35 15.45
O6 MAN G . -10.97 -2.05 17.86
C1 MAN G . -7.64 -8.71 14.17
C2 MAN G . -7.68 -10.15 14.66
C3 MAN G . -6.50 -10.92 14.09
C4 MAN G . -6.58 -10.86 12.57
C5 MAN G . -6.57 -9.41 12.11
C6 MAN G . -6.82 -9.33 10.63
O2 MAN G . -8.89 -10.75 14.20
O3 MAN G . -6.54 -12.28 14.51
O4 MAN G . -5.48 -11.55 12.01
O5 MAN G . -7.66 -8.70 12.74
O6 MAN G . -7.85 -10.23 10.26
C1 MAN H . 5.97 11.31 15.49
C2 MAN H . 6.50 12.46 16.33
C3 MAN H . 6.09 12.22 17.79
C4 MAN H . 4.57 12.07 17.90
C5 MAN H . 4.10 10.96 16.95
C6 MAN H . 2.59 10.84 16.94
O1 MAN H . 6.29 11.50 14.15
O2 MAN H . 5.94 13.69 15.87
O3 MAN H . 6.53 13.31 18.62
O4 MAN H . 4.24 11.72 19.23
O5 MAN H . 4.53 11.23 15.61
O6 MAN H . 2.23 9.51 17.36
C1 MAN H . 6.80 12.89 19.93
C2 MAN H . 6.84 14.08 20.89
C3 MAN H . 8.05 14.94 20.54
C4 MAN H . 9.31 14.10 20.72
C5 MAN H . 9.23 12.88 19.79
C6 MAN H . 10.38 11.91 20.04
O2 MAN H . 7.00 13.54 22.20
O3 MAN H . 8.09 16.09 21.38
O4 MAN H . 10.46 14.89 20.41
O5 MAN H . 8.01 12.14 20.03
O6 MAN H . 11.58 12.36 19.42
C1 MAN H . 6.52 14.27 23.31
C2 MAN H . 7.63 15.18 23.83
C3 MAN H . 8.82 14.35 24.33
C4 MAN H . 8.35 13.27 25.31
C5 MAN H . 7.18 12.48 24.72
C6 MAN H . 6.59 11.45 25.65
O2 MAN H . 7.13 15.98 24.89
O3 MAN H . 9.76 15.20 24.96
O4 MAN H . 9.43 12.39 25.59
O5 MAN H . 6.14 13.38 24.33
O6 MAN H . 6.35 10.23 24.96
C1 MAN H . 0.89 9.17 17.10
C2 MAN H . 0.72 7.66 17.27
C3 MAN H . 1.55 6.95 16.18
C4 MAN H . 1.10 7.42 14.79
C5 MAN H . 1.20 8.96 14.72
C6 MAN H . 0.67 9.55 13.44
O2 MAN H . -0.65 7.31 17.13
O3 MAN H . 1.41 5.52 16.30
O4 MAN H . 1.93 6.84 13.80
O5 MAN H . 0.47 9.57 15.81
O6 MAN H . 0.46 10.97 13.59
C1 MAN H . 2.57 4.82 16.67
C2 MAN H . 2.20 3.40 17.09
C3 MAN H . 1.44 3.43 18.43
C4 MAN H . 2.23 4.21 19.49
C5 MAN H . 2.59 5.60 18.95
C6 MAN H . 3.47 6.39 19.90
O2 MAN H . 3.38 2.62 17.23
O3 MAN H . 1.21 2.10 18.89
O4 MAN H . 1.45 4.35 20.66
O5 MAN H . 3.30 5.47 17.70
O6 MAN H . 3.69 7.70 19.42
C1 MAN H . 1.68 11.67 13.67
C2 MAN H . 1.42 13.14 13.97
C3 MAN H . 0.81 13.85 12.77
C4 MAN H . 1.66 13.61 11.52
C5 MAN H . 1.83 12.13 11.32
C6 MAN H . 2.67 11.77 10.12
O2 MAN H . 2.65 13.77 14.31
O3 MAN H . 0.72 15.24 13.01
O4 MAN H . 1.02 14.19 10.39
O5 MAN H . 2.46 11.54 12.48
O6 MAN H . 2.10 10.68 9.41
CA CA I . -45.95 -8.59 -30.19
CA CA J . -39.36 -12.86 -27.21
CA CA K . -50.07 -7.90 -29.57
C1 MAN L . 5.33 3.75 -20.39
C2 MAN L . 6.04 4.96 -19.79
C3 MAN L . 5.01 6.04 -19.42
C4 MAN L . 4.18 6.38 -20.64
C5 MAN L . 3.56 5.13 -21.27
C6 MAN L . 2.94 5.47 -22.61
O1 MAN L . 4.49 3.17 -19.47
O2 MAN L . 6.95 5.50 -20.74
O3 MAN L . 5.68 7.20 -18.97
O4 MAN L . 3.17 7.28 -20.26
O5 MAN L . 4.57 4.12 -21.54
O6 MAN L . 3.95 5.78 -23.56
CA CA M . 6.83 16.78 -18.11
CA CA N . 4.84 8.84 -17.89
CA CA O . 7.28 20.39 -20.90
CA CA P . -26.48 -3.09 26.49
CA CA Q . -21.32 -8.34 22.14
CA CA R . -26.10 -0.01 29.56
CA CA S . 54.40 4.36 -10.49
CA CA T . 47.51 8.53 -11.29
CA CA U . 58.08 4.08 -7.77
C1 MAN V . 3.68 -8.44 -19.86
C2 MAN V . 2.51 -9.21 -19.25
C3 MAN V . 3.03 -10.21 -18.19
C4 MAN V . 4.11 -11.09 -18.77
C5 MAN V . 5.22 -10.21 -19.38
C6 MAN V . 6.28 -11.04 -20.07
O1 MAN V . 4.30 -7.65 -18.90
O2 MAN V . 1.84 -9.91 -20.27
O3 MAN V . 1.97 -11.03 -17.74
O4 MAN V . 4.65 -11.89 -17.73
O5 MAN V . 4.66 -9.34 -20.39
O6 MAN V . 5.81 -11.59 -21.29
CA CA W . 0.31 -20.48 -15.30
CA CA X . 2.16 -12.75 -16.23
CA CA Y . 0.66 -24.81 -16.89
CA CA Z . 13.77 10.12 33.71
CA CA AA . 11.12 13.67 26.73
CA CA BA . 11.76 7.78 36.64
#